data_9MNV
# 
_entry.id   9MNV 
# 
_audit_conform.dict_name       mmcif_pdbx.dic 
_audit_conform.dict_version    5.403 
_audit_conform.dict_location   http://mmcif.pdb.org/dictionaries/ascii/mmcif_pdbx.dic 
# 
loop_
_database_2.database_id 
_database_2.database_code 
_database_2.pdbx_database_accession 
_database_2.pdbx_DOI 
PDB   9MNV         pdb_00009mnv 10.2210/pdb9mnv/pdb 
WWPDB D_1000291235 ?            ?                   
# 
loop_
_pdbx_audit_revision_history.ordinal 
_pdbx_audit_revision_history.data_content_type 
_pdbx_audit_revision_history.major_revision 
_pdbx_audit_revision_history.minor_revision 
_pdbx_audit_revision_history.revision_date 
_pdbx_audit_revision_history.part_number 
1 'Structure model' 1 0 2025-05-21 ? 
2 'Structure model' 1 1 2025-06-04 ? 
# 
_pdbx_audit_revision_details.ordinal             1 
_pdbx_audit_revision_details.revision_ordinal    1 
_pdbx_audit_revision_details.data_content_type   'Structure model' 
_pdbx_audit_revision_details.provider            repository 
_pdbx_audit_revision_details.type                'Initial release' 
_pdbx_audit_revision_details.description         ? 
_pdbx_audit_revision_details.details             ? 
# 
_pdbx_audit_revision_group.ordinal             1 
_pdbx_audit_revision_group.revision_ordinal    2 
_pdbx_audit_revision_group.data_content_type   'Structure model' 
_pdbx_audit_revision_group.group               'Database references' 
# 
loop_
_pdbx_audit_revision_category.ordinal 
_pdbx_audit_revision_category.revision_ordinal 
_pdbx_audit_revision_category.data_content_type 
_pdbx_audit_revision_category.category 
1 2 'Structure model' citation        
2 2 'Structure model' citation_author 
# 
loop_
_pdbx_audit_revision_item.ordinal 
_pdbx_audit_revision_item.revision_ordinal 
_pdbx_audit_revision_item.data_content_type 
_pdbx_audit_revision_item.item 
1 2 'Structure model' '_citation.journal_volume'          
2 2 'Structure model' '_citation.page_first'              
3 2 'Structure model' '_citation.page_last'               
4 2 'Structure model' '_citation_author.identifier_ORCID' 
# 
_pdbx_database_status.status_code                     REL 
_pdbx_database_status.status_code_sf                  REL 
_pdbx_database_status.status_code_mr                  ? 
_pdbx_database_status.entry_id                        9MNV 
_pdbx_database_status.recvd_initial_deposition_date   2024-12-23 
_pdbx_database_status.SG_entry                        N 
_pdbx_database_status.deposit_site                    RCSB 
_pdbx_database_status.process_site                    RCSB 
_pdbx_database_status.status_code_cs                  ? 
_pdbx_database_status.status_code_nmr_data            ? 
_pdbx_database_status.methods_development_category    ? 
_pdbx_database_status.pdb_format_compatible           Y 
# 
_pdbx_contact_author.id                 2 
_pdbx_contact_author.email              andyn@uic.edu 
_pdbx_contact_author.name_first         Andy 
_pdbx_contact_author.name_last          Nguyen 
_pdbx_contact_author.name_mi            I 
_pdbx_contact_author.role               'principal investigator/group leader' 
_pdbx_contact_author.identifier_ORCID   0000-0003-4137-6453 
# 
_audit_author.name               'Richardson-Matthews, R.M.' 
_audit_author.pdbx_ordinal       1 
_audit_author.identifier_ORCID   0000-0002-5871-0908 
# 
_citation.abstract                  ? 
_citation.abstract_id_CAS           ? 
_citation.book_id_ISBN              ? 
_citation.book_publisher            ? 
_citation.book_publisher_city       ? 
_citation.book_title                ? 
_citation.coordinate_linkage        ? 
_citation.country                   US 
_citation.database_id_Medline       ? 
_citation.details                   ? 
_citation.id                        primary 
_citation.journal_abbrev            J.Am.Chem.Soc. 
_citation.journal_id_ASTM           JACSAT 
_citation.journal_id_CSD            ? 
_citation.journal_id_ISSN           1520-5126 
_citation.journal_full              ? 
_citation.journal_issue             ? 
_citation.journal_volume            147 
_citation.language                  ? 
_citation.page_first                17433 
_citation.page_last                 17447 
_citation.title                     'Metal-alpha-Helix Peptide Frameworks.' 
_citation.year                      2025 
_citation.database_id_CSD           ? 
_citation.pdbx_database_id_DOI      10.1021/jacs.5c04078 
_citation.pdbx_database_id_PubMed   40328673 
_citation.pdbx_database_id_patent   ? 
_citation.unpublished_flag          ? 
# 
loop_
_citation_author.citation_id 
_citation_author.name 
_citation_author.ordinal 
_citation_author.identifier_ORCID 
primary 'Richardson-Matthews, R.' 1 ? 
primary 'Velko, K.'               2 ? 
primary 'Bhunia, B.'              3 ? 
primary 'Ghosh, S.'               4 ? 
primary 'Oktawiec, J.'            5 ? 
primary 'Brunzelle, J.S.'         6 ? 
primary 'Dang, V.T.'              7 ? 
primary 'Nguyen, A.I.'            8 ? 
# 
loop_
_entity.id 
_entity.type 
_entity.src_method 
_entity.pdbx_description 
_entity.formula_weight 
_entity.pdbx_number_of_molecules 
_entity.pdbx_ec 
_entity.pdbx_mutation 
_entity.pdbx_fragment 
_entity.details 
1 polymer     syn 'Co-MAHF-9 A8Y'   1067.283 2 ? ? ? ? 
2 non-polymer syn METHANOL          32.042   1 ? ? ? ? 
3 non-polymer syn 'COBALT (II) ION' 58.933   1 ? ? ? ? 
4 water       nat water             18.015   7 ? ? ? ? 
# 
_entity_poly.entity_id                      1 
_entity_poly.type                           'polypeptide(L)' 
_entity_poly.nstd_linkage                   no 
_entity_poly.nstd_monomer                   yes 
_entity_poly.pdbx_seq_one_letter_code       '(ACE)L(AIB)E(AIB)LHY(AIB)L(NH2)' 
_entity_poly.pdbx_seq_one_letter_code_can   XLAEALHYALX 
_entity_poly.pdbx_strand_id                 A,B 
_entity_poly.pdbx_target_identifier         ? 
# 
loop_
_pdbx_entity_nonpoly.entity_id 
_pdbx_entity_nonpoly.name 
_pdbx_entity_nonpoly.comp_id 
2 METHANOL          MOH 
3 'COBALT (II) ION' CO  
4 water             HOH 
# 
loop_
_entity_poly_seq.entity_id 
_entity_poly_seq.num 
_entity_poly_seq.mon_id 
_entity_poly_seq.hetero 
1 1  ACE n 
1 2  LEU n 
1 3  AIB n 
1 4  GLU n 
1 5  AIB n 
1 6  LEU n 
1 7  HIS n 
1 8  TYR n 
1 9  AIB n 
1 10 LEU n 
1 11 NH2 n 
# 
_pdbx_entity_src_syn.entity_id              1 
_pdbx_entity_src_syn.pdbx_src_id            1 
_pdbx_entity_src_syn.pdbx_alt_source_flag   sample 
_pdbx_entity_src_syn.pdbx_beg_seq_num       1 
_pdbx_entity_src_syn.pdbx_end_seq_num       11 
_pdbx_entity_src_syn.organism_scientific    'synthetic construct' 
_pdbx_entity_src_syn.organism_common_name   ? 
_pdbx_entity_src_syn.ncbi_taxonomy_id       32630 
_pdbx_entity_src_syn.details                ? 
# 
loop_
_chem_comp.id 
_chem_comp.type 
_chem_comp.mon_nstd_flag 
_chem_comp.name 
_chem_comp.pdbx_synonyms 
_chem_comp.formula 
_chem_comp.formula_weight 
ACE non-polymer         . 'ACETYL GROUP'               ? 'C2 H4 O'        44.053  
AIB 'L-peptide linking' n 'ALPHA-AMINOISOBUTYRIC ACID' ? 'C4 H9 N O2'     103.120 
CO  non-polymer         . 'COBALT (II) ION'            ? 'Co 2'           58.933  
GLU 'L-peptide linking' y 'GLUTAMIC ACID'              ? 'C5 H9 N O4'     147.129 
HIS 'L-peptide linking' y HISTIDINE                    ? 'C6 H10 N3 O2 1' 156.162 
HOH non-polymer         . WATER                        ? 'H2 O'           18.015  
LEU 'L-peptide linking' y LEUCINE                      ? 'C6 H13 N O2'    131.173 
MOH non-polymer         . METHANOL                     ? 'C H4 O'         32.042  
NH2 non-polymer         . 'AMINO GROUP'                ? 'H2 N'           16.023  
TYR 'L-peptide linking' y TYROSINE                     ? 'C9 H11 N O3'    181.189 
# 
loop_
_pdbx_poly_seq_scheme.asym_id 
_pdbx_poly_seq_scheme.entity_id 
_pdbx_poly_seq_scheme.seq_id 
_pdbx_poly_seq_scheme.mon_id 
_pdbx_poly_seq_scheme.ndb_seq_num 
_pdbx_poly_seq_scheme.pdb_seq_num 
_pdbx_poly_seq_scheme.auth_seq_num 
_pdbx_poly_seq_scheme.pdb_mon_id 
_pdbx_poly_seq_scheme.auth_mon_id 
_pdbx_poly_seq_scheme.pdb_strand_id 
_pdbx_poly_seq_scheme.pdb_ins_code 
_pdbx_poly_seq_scheme.hetero 
A 1 1  ACE 1  1  1  ACE ACY A . n 
A 1 2  LEU 2  2  2  LEU LEU A . n 
A 1 3  AIB 3  3  3  AIB AIB A . n 
A 1 4  GLU 4  4  4  GLU GLU A . n 
A 1 5  AIB 5  5  5  AIB AIB A . n 
A 1 6  LEU 6  6  6  LEU LEU A . n 
A 1 7  HIS 7  7  7  HIS HIS A . n 
A 1 8  TYR 8  8  8  TYR TYR A . n 
A 1 9  AIB 9  9  9  AIB AIB A . n 
A 1 10 LEU 10 10 10 LEU LEU A . n 
A 1 11 NH2 11 11 11 NH2 NH3 A . n 
B 1 1  ACE 1  1  1  ACE ACY B . n 
B 1 2  LEU 2  2  2  LEU LEU B . n 
B 1 3  AIB 3  3  3  AIB AIB B . n 
B 1 4  GLU 4  4  4  GLU GLU B . n 
B 1 5  AIB 5  5  5  AIB AIB B . n 
B 1 6  LEU 6  6  6  LEU LEU B . n 
B 1 7  HIS 7  7  7  HIS HIS B . n 
B 1 8  TYR 8  8  8  TYR TYR B . n 
B 1 9  AIB 9  9  9  AIB AIB B . n 
B 1 10 LEU 10 10 10 LEU LEU B . n 
B 1 11 NH2 11 11 11 NH2 NH3 B . n 
# 
loop_
_pdbx_nonpoly_scheme.asym_id 
_pdbx_nonpoly_scheme.entity_id 
_pdbx_nonpoly_scheme.mon_id 
_pdbx_nonpoly_scheme.ndb_seq_num 
_pdbx_nonpoly_scheme.pdb_seq_num 
_pdbx_nonpoly_scheme.auth_seq_num 
_pdbx_nonpoly_scheme.pdb_mon_id 
_pdbx_nonpoly_scheme.auth_mon_id 
_pdbx_nonpoly_scheme.pdb_strand_id 
_pdbx_nonpoly_scheme.pdb_ins_code 
C 2 MOH 1 101 8 MOH MOH A . 
D 3 CO  1 102 1 CO  CO  A . 
E 4 HOH 1 201 1 HOH HOH A . 
E 4 HOH 2 202 7 HOH HOH A . 
E 4 HOH 3 203 5 HOH HOH A . 
E 4 HOH 4 204 4 HOH HOH A . 
E 4 HOH 5 205 6 HOH HOH A . 
F 4 HOH 1 101 2 HOH HOH B . 
F 4 HOH 2 102 3 HOH HOH B . 
# 
loop_
_software.citation_id 
_software.classification 
_software.compiler_name 
_software.compiler_version 
_software.contact_author 
_software.contact_author_email 
_software.date 
_software.description 
_software.dependencies 
_software.hardware 
_software.language 
_software.location 
_software.mods 
_software.name 
_software.os 
_software.os_version 
_software.type 
_software.version 
_software.pdbx_ordinal 
? refinement       ? ? ? ? ? ? ? ? ? ? ? PHENIX ? ? ? 1.21.2_5419 1 
? 'data reduction' ? ? ? ? ? ? ? ? ? ? ? XDS    ? ? ? .           2 
? 'data scaling'   ? ? ? ? ? ? ? ? ? ? ? XDS    ? ? ? .           3 
? phasing          ? ? ? ? ? ? ? ? ? ? ? PHASER ? ? ? .           4 
# 
_cell.angle_alpha                  92.693 
_cell.angle_alpha_esd              ? 
_cell.angle_beta                   103.389 
_cell.angle_beta_esd               ? 
_cell.angle_gamma                  108.099 
_cell.angle_gamma_esd              ? 
_cell.entry_id                     9MNV 
_cell.details                      ? 
_cell.formula_units_Z              ? 
_cell.length_a                     10.227 
_cell.length_a_esd                 ? 
_cell.length_b                     16.303 
_cell.length_b_esd                 ? 
_cell.length_c                     20.648 
_cell.length_c_esd                 ? 
_cell.volume                       3157.080 
_cell.volume_esd                   ? 
_cell.Z_PDB                        2 
_cell.reciprocal_angle_alpha       ? 
_cell.reciprocal_angle_beta        ? 
_cell.reciprocal_angle_gamma       ? 
_cell.reciprocal_angle_alpha_esd   ? 
_cell.reciprocal_angle_beta_esd    ? 
_cell.reciprocal_angle_gamma_esd   ? 
_cell.reciprocal_length_a          ? 
_cell.reciprocal_length_b          ? 
_cell.reciprocal_length_c          ? 
_cell.reciprocal_length_a_esd      ? 
_cell.reciprocal_length_b_esd      ? 
_cell.reciprocal_length_c_esd      ? 
_cell.pdbx_unique_axis             ? 
_cell.pdbx_esd_method              ? 
# 
_symmetry.entry_id                         9MNV 
_symmetry.cell_setting                     ? 
_symmetry.Int_Tables_number                1 
_symmetry.space_group_name_Hall            'P 1' 
_symmetry.space_group_name_H-M             'P 1' 
_symmetry.pdbx_full_space_group_name_H-M   ? 
# 
_exptl.absorpt_coefficient_mu     ? 
_exptl.absorpt_correction_T_max   ? 
_exptl.absorpt_correction_T_min   ? 
_exptl.absorpt_correction_type    ? 
_exptl.absorpt_process_details    ? 
_exptl.entry_id                   9MNV 
_exptl.crystals_number            1 
_exptl.details                    ? 
_exptl.method                     'X-RAY DIFFRACTION' 
_exptl.method_details             ? 
# 
_exptl_crystal.colour                       ? 
_exptl_crystal.density_diffrn               ? 
_exptl_crystal.density_Matthews             1.46 
_exptl_crystal.density_method               ? 
_exptl_crystal.density_percent_sol          15.51 
_exptl_crystal.description                  ? 
_exptl_crystal.F_000                        ? 
_exptl_crystal.id                           1 
_exptl_crystal.preparation                  ? 
_exptl_crystal.size_max                     ? 
_exptl_crystal.size_mid                     ? 
_exptl_crystal.size_min                     ? 
_exptl_crystal.size_rad                     ? 
_exptl_crystal.colour_lustre                ? 
_exptl_crystal.colour_modifier              ? 
_exptl_crystal.colour_primary               ? 
_exptl_crystal.density_meas                 ? 
_exptl_crystal.density_meas_esd             ? 
_exptl_crystal.density_meas_gt              ? 
_exptl_crystal.density_meas_lt              ? 
_exptl_crystal.density_meas_temp            ? 
_exptl_crystal.density_meas_temp_esd        ? 
_exptl_crystal.density_meas_temp_gt         ? 
_exptl_crystal.density_meas_temp_lt         ? 
_exptl_crystal.pdbx_crystal_image_url       ? 
_exptl_crystal.pdbx_crystal_image_format    ? 
_exptl_crystal.pdbx_mosaicity               ? 
_exptl_crystal.pdbx_mosaicity_esd           ? 
_exptl_crystal.pdbx_mosaic_method           ? 
_exptl_crystal.pdbx_mosaic_block_size       ? 
_exptl_crystal.pdbx_mosaic_block_size_esd   ? 
# 
_exptl_crystal_grow.apparatus       ? 
_exptl_crystal_grow.atmosphere      ? 
_exptl_crystal_grow.crystal_id      1 
_exptl_crystal_grow.details         ? 
_exptl_crystal_grow.method          'SLOW COOLING' 
_exptl_crystal_grow.method_ref      ? 
_exptl_crystal_grow.pH              ? 
_exptl_crystal_grow.pressure        ? 
_exptl_crystal_grow.pressure_esd    ? 
_exptl_crystal_grow.seeding         ? 
_exptl_crystal_grow.seeding_ref     ? 
_exptl_crystal_grow.temp_details    ? 
_exptl_crystal_grow.temp_esd        ? 
_exptl_crystal_grow.time            ? 
_exptl_crystal_grow.pdbx_details    'water, acetonitrile, cobalt acetate, sodium hydroxide, methanol' 
_exptl_crystal_grow.pdbx_pH_range   ? 
_exptl_crystal_grow.temp            298 
# 
_diffrn.ambient_environment              ? 
_diffrn.ambient_temp                     100 
_diffrn.ambient_temp_details             ? 
_diffrn.ambient_temp_esd                 ? 
_diffrn.crystal_id                       1 
_diffrn.crystal_support                  ? 
_diffrn.crystal_treatment                ? 
_diffrn.details                          ? 
_diffrn.id                               1 
_diffrn.ambient_pressure                 ? 
_diffrn.ambient_pressure_esd             ? 
_diffrn.ambient_pressure_gt              ? 
_diffrn.ambient_pressure_lt              ? 
_diffrn.ambient_temp_gt                  ? 
_diffrn.ambient_temp_lt                  ? 
_diffrn.pdbx_serial_crystal_experiment   N 
# 
_diffrn_detector.details                      ? 
_diffrn_detector.detector                     PIXEL 
_diffrn_detector.diffrn_id                    1 
_diffrn_detector.type                         'RIGAKU HyPix-3000' 
_diffrn_detector.area_resol_mean              ? 
_diffrn_detector.dtime                        ? 
_diffrn_detector.pdbx_frames_total            ? 
_diffrn_detector.pdbx_collection_time_total   ? 
_diffrn_detector.pdbx_collection_date         2024-12-19 
_diffrn_detector.pdbx_frequency               ? 
_diffrn_detector.id                           ? 
_diffrn_detector.number_of_axes               ? 
# 
_diffrn_radiation.collimation                      ? 
_diffrn_radiation.diffrn_id                        1 
_diffrn_radiation.filter_edge                      ? 
_diffrn_radiation.inhomogeneity                    ? 
_diffrn_radiation.monochromator                    ? 
_diffrn_radiation.polarisn_norm                    ? 
_diffrn_radiation.polarisn_ratio                   ? 
_diffrn_radiation.probe                            ? 
_diffrn_radiation.type                             ? 
_diffrn_radiation.xray_symbol                      ? 
_diffrn_radiation.wavelength_id                    1 
_diffrn_radiation.pdbx_monochromatic_or_laue_m_l   M 
_diffrn_radiation.pdbx_wavelength_list             ? 
_diffrn_radiation.pdbx_wavelength                  ? 
_diffrn_radiation.pdbx_diffrn_protocol             'SINGLE WAVELENGTH' 
_diffrn_radiation.pdbx_analyzer                    ? 
_diffrn_radiation.pdbx_scattering_type             x-ray 
# 
_diffrn_radiation_wavelength.id           1 
_diffrn_radiation_wavelength.wavelength   1.54184 
_diffrn_radiation_wavelength.wt           1.0 
# 
_diffrn_source.current                     ? 
_diffrn_source.details                     ? 
_diffrn_source.diffrn_id                   1 
_diffrn_source.power                       ? 
_diffrn_source.size                        ? 
_diffrn_source.source                      'ROTATING ANODE' 
_diffrn_source.target                      ? 
_diffrn_source.type                        RIGAKU 
_diffrn_source.voltage                     ? 
_diffrn_source.take-off_angle              ? 
_diffrn_source.pdbx_wavelength_list        1.54184 
_diffrn_source.pdbx_wavelength             ? 
_diffrn_source.pdbx_synchrotron_beamline   ? 
_diffrn_source.pdbx_synchrotron_site       ? 
# 
_reflns.B_iso_Wilson_estimate                          4.45 
_reflns.entry_id                                       9MNV 
_reflns.data_reduction_details                         ? 
_reflns.data_reduction_method                          ? 
_reflns.d_resolution_high                              0.8 
_reflns.d_resolution_low                               19.92 
_reflns.details                                        ? 
_reflns.limit_h_max                                    ? 
_reflns.limit_h_min                                    ? 
_reflns.limit_k_max                                    ? 
_reflns.limit_k_min                                    ? 
_reflns.limit_l_max                                    ? 
_reflns.limit_l_min                                    ? 
_reflns.number_all                                     ? 
_reflns.number_obs                                     12241 
_reflns.observed_criterion                             ? 
_reflns.observed_criterion_F_max                       ? 
_reflns.observed_criterion_F_min                       ? 
_reflns.observed_criterion_I_max                       ? 
_reflns.observed_criterion_I_min                       ? 
_reflns.observed_criterion_sigma_F                     ? 
_reflns.observed_criterion_sigma_I                     ? 
_reflns.percent_possible_obs                           94.61 
_reflns.R_free_details                                 ? 
_reflns.Rmerge_F_all                                   ? 
_reflns.Rmerge_F_obs                                   ? 
_reflns.Friedel_coverage                               ? 
_reflns.number_gt                                      ? 
_reflns.threshold_expression                           ? 
_reflns.pdbx_redundancy                                4.2 
_reflns.pdbx_netI_over_av_sigmaI                       ? 
_reflns.pdbx_netI_over_sigmaI                          26.67 
_reflns.pdbx_res_netI_over_av_sigmaI_2                 ? 
_reflns.pdbx_res_netI_over_sigmaI_2                    ? 
_reflns.pdbx_chi_squared                               ? 
_reflns.pdbx_scaling_rejects                           ? 
_reflns.pdbx_d_res_high_opt                            ? 
_reflns.pdbx_d_res_low_opt                             ? 
_reflns.pdbx_d_res_opt_method                          ? 
_reflns.phase_calculation_details                      ? 
_reflns.pdbx_Rrim_I_all                                ? 
_reflns.pdbx_Rpim_I_all                                ? 
_reflns.pdbx_d_opt                                     ? 
_reflns.pdbx_number_measured_all                       ? 
_reflns.pdbx_diffrn_id                                 1 
_reflns.pdbx_ordinal                                   1 
_reflns.pdbx_CC_half                                   0.995 
_reflns.pdbx_CC_star                                   ? 
_reflns.pdbx_R_split                                   ? 
_reflns.pdbx_Rmerge_I_obs                              ? 
_reflns.pdbx_Rmerge_I_all                              ? 
_reflns.pdbx_Rsym_value                                ? 
_reflns.pdbx_CC_split_method                           ? 
_reflns.pdbx_aniso_diffraction_limit_axis_1_ortho[1]   ? 
_reflns.pdbx_aniso_diffraction_limit_axis_1_ortho[2]   ? 
_reflns.pdbx_aniso_diffraction_limit_axis_1_ortho[3]   ? 
_reflns.pdbx_aniso_diffraction_limit_axis_2_ortho[1]   ? 
_reflns.pdbx_aniso_diffraction_limit_axis_2_ortho[2]   ? 
_reflns.pdbx_aniso_diffraction_limit_axis_2_ortho[3]   ? 
_reflns.pdbx_aniso_diffraction_limit_axis_3_ortho[1]   ? 
_reflns.pdbx_aniso_diffraction_limit_axis_3_ortho[2]   ? 
_reflns.pdbx_aniso_diffraction_limit_axis_3_ortho[3]   ? 
_reflns.pdbx_aniso_diffraction_limit_1                 ? 
_reflns.pdbx_aniso_diffraction_limit_2                 ? 
_reflns.pdbx_aniso_diffraction_limit_3                 ? 
_reflns.pdbx_aniso_B_tensor_eigenvector_1_ortho[1]     ? 
_reflns.pdbx_aniso_B_tensor_eigenvector_1_ortho[2]     ? 
_reflns.pdbx_aniso_B_tensor_eigenvector_1_ortho[3]     ? 
_reflns.pdbx_aniso_B_tensor_eigenvector_2_ortho[1]     ? 
_reflns.pdbx_aniso_B_tensor_eigenvector_2_ortho[2]     ? 
_reflns.pdbx_aniso_B_tensor_eigenvector_2_ortho[3]     ? 
_reflns.pdbx_aniso_B_tensor_eigenvector_3_ortho[1]     ? 
_reflns.pdbx_aniso_B_tensor_eigenvector_3_ortho[2]     ? 
_reflns.pdbx_aniso_B_tensor_eigenvector_3_ortho[3]     ? 
_reflns.pdbx_aniso_B_tensor_eigenvalue_1               ? 
_reflns.pdbx_aniso_B_tensor_eigenvalue_2               ? 
_reflns.pdbx_aniso_B_tensor_eigenvalue_3               ? 
_reflns.pdbx_orthogonalization_convention              ? 
_reflns.pdbx_percent_possible_ellipsoidal              ? 
_reflns.pdbx_percent_possible_spherical                ? 
_reflns.pdbx_percent_possible_ellipsoidal_anomalous    ? 
_reflns.pdbx_percent_possible_spherical_anomalous      ? 
_reflns.pdbx_redundancy_anomalous                      ? 
_reflns.pdbx_CC_half_anomalous                         ? 
_reflns.pdbx_absDiff_over_sigma_anomalous              ? 
_reflns.pdbx_percent_possible_anomalous                ? 
_reflns.pdbx_observed_signal_threshold                 ? 
_reflns.pdbx_signal_type                               ? 
_reflns.pdbx_signal_details                            ? 
_reflns.pdbx_signal_software_id                        ? 
# 
_reflns_shell.d_res_high                                    0.8 
_reflns_shell.d_res_low                                     0.8287 
_reflns_shell.meanI_over_sigI_all                           ? 
_reflns_shell.meanI_over_sigI_obs                           ? 
_reflns_shell.number_measured_all                           ? 
_reflns_shell.number_measured_obs                           ? 
_reflns_shell.number_possible                               ? 
_reflns_shell.number_unique_all                             ? 
_reflns_shell.number_unique_obs                             995 
_reflns_shell.percent_possible_obs                          ? 
_reflns_shell.Rmerge_F_all                                  ? 
_reflns_shell.Rmerge_F_obs                                  ? 
_reflns_shell.meanI_over_sigI_gt                            ? 
_reflns_shell.meanI_over_uI_all                             ? 
_reflns_shell.meanI_over_uI_gt                              ? 
_reflns_shell.number_measured_gt                            ? 
_reflns_shell.number_unique_gt                              ? 
_reflns_shell.percent_possible_gt                           ? 
_reflns_shell.Rmerge_F_gt                                   ? 
_reflns_shell.Rmerge_I_gt                                   ? 
_reflns_shell.pdbx_redundancy                               ? 
_reflns_shell.pdbx_chi_squared                              ? 
_reflns_shell.pdbx_netI_over_sigmaI_all                     ? 
_reflns_shell.pdbx_netI_over_sigmaI_obs                     ? 
_reflns_shell.pdbx_Rrim_I_all                               ? 
_reflns_shell.pdbx_Rpim_I_all                               ? 
_reflns_shell.pdbx_rejects                                  ? 
_reflns_shell.pdbx_ordinal                                  1 
_reflns_shell.pdbx_diffrn_id                                1 
_reflns_shell.pdbx_CC_half                                  0.79 
_reflns_shell.pdbx_CC_star                                  ? 
_reflns_shell.pdbx_R_split                                  ? 
_reflns_shell.percent_possible_all                          ? 
_reflns_shell.Rmerge_I_all                                  ? 
_reflns_shell.Rmerge_I_obs                                  ? 
_reflns_shell.pdbx_Rsym_value                               ? 
_reflns_shell.pdbx_percent_possible_ellipsoidal             ? 
_reflns_shell.pdbx_percent_possible_spherical               ? 
_reflns_shell.pdbx_percent_possible_ellipsoidal_anomalous   ? 
_reflns_shell.pdbx_percent_possible_spherical_anomalous     ? 
_reflns_shell.pdbx_redundancy_anomalous                     ? 
_reflns_shell.pdbx_CC_half_anomalous                        ? 
_reflns_shell.pdbx_absDiff_over_sigma_anomalous             ? 
_reflns_shell.pdbx_percent_possible_anomalous               ? 
# 
_refine.aniso_B[1][1]                            ? 
_refine.aniso_B[1][2]                            ? 
_refine.aniso_B[1][3]                            ? 
_refine.aniso_B[2][2]                            ? 
_refine.aniso_B[2][3]                            ? 
_refine.aniso_B[3][3]                            ? 
_refine.B_iso_max                                ? 
_refine.B_iso_mean                               5.05 
_refine.B_iso_min                                ? 
_refine.correlation_coeff_Fo_to_Fc               ? 
_refine.correlation_coeff_Fo_to_Fc_free          ? 
_refine.details                                  ? 
_refine.diff_density_max                         ? 
_refine.diff_density_max_esd                     ? 
_refine.diff_density_min                         ? 
_refine.diff_density_min_esd                     ? 
_refine.diff_density_rms                         ? 
_refine.diff_density_rms_esd                     ? 
_refine.entry_id                                 9MNV 
_refine.pdbx_refine_id                           'X-RAY DIFFRACTION' 
_refine.ls_abs_structure_details                 ? 
_refine.ls_abs_structure_Flack                   ? 
_refine.ls_abs_structure_Flack_esd               ? 
_refine.ls_abs_structure_Rogers                  ? 
_refine.ls_abs_structure_Rogers_esd              ? 
_refine.ls_d_res_high                            0.80 
_refine.ls_d_res_low                             19.92 
_refine.ls_extinction_coef                       ? 
_refine.ls_extinction_coef_esd                   ? 
_refine.ls_extinction_expression                 ? 
_refine.ls_extinction_method                     ? 
_refine.ls_goodness_of_fit_all                   ? 
_refine.ls_goodness_of_fit_all_esd               ? 
_refine.ls_goodness_of_fit_obs                   ? 
_refine.ls_goodness_of_fit_obs_esd               ? 
_refine.ls_hydrogen_treatment                    ? 
_refine.ls_matrix_type                           ? 
_refine.ls_number_constraints                    ? 
_refine.ls_number_parameters                     ? 
_refine.ls_number_reflns_all                     ? 
_refine.ls_number_reflns_obs                     12241 
_refine.ls_number_reflns_R_free                  1243 
_refine.ls_number_reflns_R_work                  11052 
_refine.ls_number_restraints                     ? 
_refine.ls_percent_reflns_obs                    93.63 
_refine.ls_percent_reflns_R_free                 10.11 
_refine.ls_R_factor_all                          ? 
_refine.ls_R_factor_obs                          0.1130 
_refine.ls_R_factor_R_free                       0.1144 
_refine.ls_R_factor_R_free_error                 ? 
_refine.ls_R_factor_R_free_error_details         ? 
_refine.ls_R_factor_R_work                       0.1128 
_refine.ls_R_Fsqd_factor_obs                     ? 
_refine.ls_R_I_factor_obs                        ? 
_refine.ls_redundancy_reflns_all                 ? 
_refine.ls_redundancy_reflns_obs                 ? 
_refine.ls_restrained_S_all                      ? 
_refine.ls_restrained_S_obs                      ? 
_refine.ls_shift_over_esd_max                    ? 
_refine.ls_shift_over_esd_mean                   ? 
_refine.ls_structure_factor_coef                 ? 
_refine.ls_weighting_details                     ? 
_refine.ls_weighting_scheme                      ? 
_refine.ls_wR_factor_all                         ? 
_refine.ls_wR_factor_obs                         ? 
_refine.ls_wR_factor_R_free                      ? 
_refine.ls_wR_factor_R_work                      ? 
_refine.occupancy_max                            ? 
_refine.occupancy_min                            ? 
_refine.solvent_model_details                    'FLAT BULK SOLVENT MODEL' 
_refine.solvent_model_param_bsol                 ? 
_refine.solvent_model_param_ksol                 ? 
_refine.pdbx_R_complete                          ? 
_refine.ls_R_factor_gt                           ? 
_refine.ls_goodness_of_fit_gt                    ? 
_refine.ls_goodness_of_fit_ref                   ? 
_refine.ls_shift_over_su_max                     ? 
_refine.ls_shift_over_su_max_lt                  ? 
_refine.ls_shift_over_su_mean                    ? 
_refine.ls_shift_over_su_mean_lt                 ? 
_refine.pdbx_ls_sigma_I                          ? 
_refine.pdbx_ls_sigma_F                          2.05 
_refine.pdbx_ls_sigma_Fsqd                       ? 
_refine.pdbx_data_cutoff_high_absF               ? 
_refine.pdbx_data_cutoff_high_rms_absF           ? 
_refine.pdbx_data_cutoff_low_absF                ? 
_refine.pdbx_isotropic_thermal_model             ? 
_refine.pdbx_ls_cross_valid_method               'FREE R-VALUE' 
_refine.pdbx_method_to_determine_struct          'MOLECULAR REPLACEMENT' 
_refine.pdbx_starting_model                      ? 
_refine.pdbx_stereochemistry_target_values       'GeoStd + Monomer Library + CDL v1.2' 
_refine.pdbx_R_Free_selection_details            ? 
_refine.pdbx_stereochem_target_val_spec_case     ? 
_refine.pdbx_overall_ESU_R                       ? 
_refine.pdbx_overall_ESU_R_Free                  ? 
_refine.pdbx_solvent_vdw_probe_radii             1.1000 
_refine.pdbx_solvent_ion_probe_radii             ? 
_refine.pdbx_solvent_shrinkage_radii             0.9000 
_refine.pdbx_real_space_R                        ? 
_refine.pdbx_density_correlation                 ? 
_refine.pdbx_pd_number_of_powder_patterns        ? 
_refine.pdbx_pd_number_of_points                 ? 
_refine.pdbx_pd_meas_number_of_points            ? 
_refine.pdbx_pd_proc_ls_prof_R_factor            ? 
_refine.pdbx_pd_proc_ls_prof_wR_factor           ? 
_refine.pdbx_pd_Marquardt_correlation_coeff      ? 
_refine.pdbx_pd_Fsqrd_R_factor                   ? 
_refine.pdbx_pd_ls_matrix_band_width             ? 
_refine.pdbx_overall_phase_error                 12.5706 
_refine.pdbx_overall_SU_R_free_Cruickshank_DPI   ? 
_refine.pdbx_overall_SU_R_free_Blow_DPI          ? 
_refine.pdbx_overall_SU_R_Blow_DPI               ? 
_refine.pdbx_TLS_residual_ADP_flag               ? 
_refine.pdbx_diffrn_id                           1 
_refine.overall_SU_B                             ? 
_refine.overall_SU_ML                            0.0629 
_refine.overall_SU_R_Cruickshank_DPI             ? 
_refine.overall_SU_R_free                        ? 
_refine.overall_FOM_free_R_set                   ? 
_refine.overall_FOM_work_R_set                   ? 
_refine.pdbx_average_fsc_overall                 ? 
_refine.pdbx_average_fsc_work                    ? 
_refine.pdbx_average_fsc_free                    ? 
# 
_refine_hist.pdbx_refine_id                   'X-RAY DIFFRACTION' 
_refine_hist.cycle_id                         LAST 
_refine_hist.details                          ? 
_refine_hist.d_res_high                       0.80 
_refine_hist.d_res_low                        19.92 
_refine_hist.number_atoms_solvent             7 
_refine_hist.number_atoms_total               164 
_refine_hist.number_reflns_all                ? 
_refine_hist.number_reflns_obs                ? 
_refine_hist.number_reflns_R_free             ? 
_refine_hist.number_reflns_R_work             ? 
_refine_hist.R_factor_all                     ? 
_refine_hist.R_factor_obs                     ? 
_refine_hist.R_factor_R_free                  ? 
_refine_hist.R_factor_R_work                  ? 
_refine_hist.pdbx_number_residues_total       ? 
_refine_hist.pdbx_B_iso_mean_ligand           ? 
_refine_hist.pdbx_B_iso_mean_solvent          ? 
_refine_hist.pdbx_number_atoms_protein        146 
_refine_hist.pdbx_number_atoms_nucleic_acid   0 
_refine_hist.pdbx_number_atoms_ligand         11 
_refine_hist.pdbx_number_atoms_lipid          ? 
_refine_hist.pdbx_number_atoms_carb           ? 
_refine_hist.pdbx_pseudo_atom_details         ? 
# 
loop_
_refine_ls_restr.pdbx_refine_id 
_refine_ls_restr.criterion 
_refine_ls_restr.dev_ideal 
_refine_ls_restr.dev_ideal_target 
_refine_ls_restr.number 
_refine_ls_restr.rejects 
_refine_ls_restr.type 
_refine_ls_restr.weight 
_refine_ls_restr.pdbx_restraint_function 
'X-RAY DIFFRACTION' ? 0.0087  ? 183 ? f_bond_d           ? ? 
'X-RAY DIFFRACTION' ? 1.5279  ? 258 ? f_angle_d          ? ? 
'X-RAY DIFFRACTION' ? 0.0846  ? 20  ? f_chiral_restr     ? ? 
'X-RAY DIFFRACTION' ? 0.0066  ? 29  ? f_plane_restr      ? ? 
'X-RAY DIFFRACTION' ? 15.3415 ? 62  ? f_dihedral_angle_d ? ? 
# 
loop_
_refine_ls_shell.pdbx_refine_id 
_refine_ls_shell.d_res_high 
_refine_ls_shell.d_res_low 
_refine_ls_shell.number_reflns_all 
_refine_ls_shell.number_reflns_obs 
_refine_ls_shell.number_reflns_R_free 
_refine_ls_shell.number_reflns_R_work 
_refine_ls_shell.percent_reflns_obs 
_refine_ls_shell.percent_reflns_R_free 
_refine_ls_shell.R_factor_all 
_refine_ls_shell.R_factor_obs 
_refine_ls_shell.R_factor_R_free_error 
_refine_ls_shell.R_factor_R_work 
_refine_ls_shell.redundancy_reflns_all 
_refine_ls_shell.redundancy_reflns_obs 
_refine_ls_shell.wR_factor_all 
_refine_ls_shell.wR_factor_obs 
_refine_ls_shell.wR_factor_R_free 
_refine_ls_shell.wR_factor_R_work 
_refine_ls_shell.pdbx_R_complete 
_refine_ls_shell.pdbx_total_number_of_bins_used 
_refine_ls_shell.pdbx_phase_error 
_refine_ls_shell.pdbx_fsc_work 
_refine_ls_shell.pdbx_fsc_free 
_refine_ls_shell.R_factor_R_free 
'X-RAY DIFFRACTION' 0.80 0.83  . . 99  909  69.57 . . . . 0.2864 . . . . . . . . . . . 0.2629 
'X-RAY DIFFRACTION' 0.83 0.87  . . 135 1183 89.48 . . . . 0.1856 . . . . . . . . . . . 0.1759 
'X-RAY DIFFRACTION' 0.87 0.91  . . 142 1240 94.08 . . . . 0.1572 . . . . . . . . . . . 0.1686 
'X-RAY DIFFRACTION' 0.91 0.97  . . 141 1257 97.76 . . . . 0.1302 . . . . . . . . . . . 0.1513 
'X-RAY DIFFRACTION' 0.97 1.04  . . 141 1315 99.32 . . . . 0.1063 . . . . . . . . . . . 0.1274 
'X-RAY DIFFRACTION' 1.04 1.15  . . 157 1315 99.59 . . . . 0.0918 . . . . . . . . . . . 0.1054 
'X-RAY DIFFRACTION' 1.15 1.31  . . 140 1300 99.86 . . . . 0.0893 . . . . . . . . . . . 0.0940 
'X-RAY DIFFRACTION' 1.31 1.65  . . 150 1303 99.66 . . . . 0.1029 . . . . . . . . . . . 0.0964 
'X-RAY DIFFRACTION' 1.65 19.92 . . 138 1230 93.57 . . . . 0.1059 . . . . . . . . . . . 0.0996 
# 
_struct.entry_id                     9MNV 
_struct.title                        'Co-MAHF-9 A8Y Metal Alpha-Helix Framework' 
_struct.pdbx_model_details           ? 
_struct.pdbx_formula_weight          ? 
_struct.pdbx_formula_weight_method   ? 
_struct.pdbx_model_type_details      ? 
_struct.pdbx_CASP_flag               N 
# 
_struct_keywords.entry_id        9MNV 
_struct_keywords.text            'synthetic construct, DE NOVO PROTEIN' 
_struct_keywords.pdbx_keywords   'DE NOVO PROTEIN' 
# 
loop_
_struct_asym.id 
_struct_asym.pdbx_blank_PDB_chainid_flag 
_struct_asym.pdbx_modified 
_struct_asym.entity_id 
_struct_asym.details 
A N N 1 ? 
B N N 1 ? 
C N N 2 ? 
D N N 3 ? 
E N N 4 ? 
F N N 4 ? 
# 
_struct_ref.id                         1 
_struct_ref.db_name                    PDB 
_struct_ref.db_code                    9MNV 
_struct_ref.pdbx_db_accession          9MNV 
_struct_ref.pdbx_db_isoform            ? 
_struct_ref.entity_id                  1 
_struct_ref.pdbx_seq_one_letter_code   ? 
_struct_ref.pdbx_align_begin           1 
# 
loop_
_struct_ref_seq.align_id 
_struct_ref_seq.ref_id 
_struct_ref_seq.pdbx_PDB_id_code 
_struct_ref_seq.pdbx_strand_id 
_struct_ref_seq.seq_align_beg 
_struct_ref_seq.pdbx_seq_align_beg_ins_code 
_struct_ref_seq.seq_align_end 
_struct_ref_seq.pdbx_seq_align_end_ins_code 
_struct_ref_seq.pdbx_db_accession 
_struct_ref_seq.db_align_beg 
_struct_ref_seq.pdbx_db_align_beg_ins_code 
_struct_ref_seq.db_align_end 
_struct_ref_seq.pdbx_db_align_end_ins_code 
_struct_ref_seq.pdbx_auth_seq_align_beg 
_struct_ref_seq.pdbx_auth_seq_align_end 
1 1 9MNV A 1 ? 11 ? 9MNV 1 ? 11 ? 1 11 
2 1 9MNV B 1 ? 11 ? 9MNV 1 ? 11 ? 1 11 
# 
loop_
_pdbx_struct_assembly.id 
_pdbx_struct_assembly.details 
_pdbx_struct_assembly.method_details 
_pdbx_struct_assembly.oligomeric_details 
_pdbx_struct_assembly.oligomeric_count 
1 author_and_software_defined_assembly PISA monomeric 1 
2 author_and_software_defined_assembly PISA monomeric 1 
# 
loop_
_pdbx_struct_assembly_gen.assembly_id 
_pdbx_struct_assembly_gen.oper_expression 
_pdbx_struct_assembly_gen.asym_id_list 
1 1 A,C,D,E 
2 1 B,F     
# 
_pdbx_struct_assembly_auth_evidence.id                     1 
_pdbx_struct_assembly_auth_evidence.assembly_id            1 
_pdbx_struct_assembly_auth_evidence.experimental_support   none 
_pdbx_struct_assembly_auth_evidence.details                ? 
# 
_pdbx_struct_oper_list.id                   1 
_pdbx_struct_oper_list.type                 'identity operation' 
_pdbx_struct_oper_list.name                 1_555 
_pdbx_struct_oper_list.symmetry_operation   x,y,z 
_pdbx_struct_oper_list.matrix[1][1]         1.0000000000 
_pdbx_struct_oper_list.matrix[1][2]         0.0000000000 
_pdbx_struct_oper_list.matrix[1][3]         0.0000000000 
_pdbx_struct_oper_list.vector[1]            0.0000000000 
_pdbx_struct_oper_list.matrix[2][1]         0.0000000000 
_pdbx_struct_oper_list.matrix[2][2]         1.0000000000 
_pdbx_struct_oper_list.matrix[2][3]         0.0000000000 
_pdbx_struct_oper_list.vector[2]            0.0000000000 
_pdbx_struct_oper_list.matrix[3][1]         0.0000000000 
_pdbx_struct_oper_list.matrix[3][2]         0.0000000000 
_pdbx_struct_oper_list.matrix[3][3]         1.0000000000 
_pdbx_struct_oper_list.vector[3]            0.0000000000 
# 
loop_
_struct_conf.conf_type_id 
_struct_conf.id 
_struct_conf.pdbx_PDB_helix_id 
_struct_conf.beg_label_comp_id 
_struct_conf.beg_label_asym_id 
_struct_conf.beg_label_seq_id 
_struct_conf.pdbx_beg_PDB_ins_code 
_struct_conf.end_label_comp_id 
_struct_conf.end_label_asym_id 
_struct_conf.end_label_seq_id 
_struct_conf.pdbx_end_PDB_ins_code 
_struct_conf.beg_auth_comp_id 
_struct_conf.beg_auth_asym_id 
_struct_conf.beg_auth_seq_id 
_struct_conf.end_auth_comp_id 
_struct_conf.end_auth_asym_id 
_struct_conf.end_auth_seq_id 
_struct_conf.pdbx_PDB_helix_class 
_struct_conf.details 
_struct_conf.pdbx_PDB_helix_length 
HELX_P HELX_P1 AA1 LEU A 2 ? LEU A 10 ? LEU A 2 LEU A 10 1 ? 9 
HELX_P HELX_P2 AA2 LEU B 2 ? LEU B 10 ? LEU B 2 LEU B 10 1 ? 9 
# 
_struct_conf_type.id          HELX_P 
_struct_conf_type.criteria    ? 
_struct_conf_type.reference   ? 
# 
loop_
_struct_conn.id 
_struct_conn.conn_type_id 
_struct_conn.pdbx_leaving_atom_flag 
_struct_conn.pdbx_PDB_id 
_struct_conn.ptnr1_label_asym_id 
_struct_conn.ptnr1_label_comp_id 
_struct_conn.ptnr1_label_seq_id 
_struct_conn.ptnr1_label_atom_id 
_struct_conn.pdbx_ptnr1_label_alt_id 
_struct_conn.pdbx_ptnr1_PDB_ins_code 
_struct_conn.pdbx_ptnr1_standard_comp_id 
_struct_conn.ptnr1_symmetry 
_struct_conn.ptnr2_label_asym_id 
_struct_conn.ptnr2_label_comp_id 
_struct_conn.ptnr2_label_seq_id 
_struct_conn.ptnr2_label_atom_id 
_struct_conn.pdbx_ptnr2_label_alt_id 
_struct_conn.pdbx_ptnr2_PDB_ins_code 
_struct_conn.ptnr1_auth_asym_id 
_struct_conn.ptnr1_auth_comp_id 
_struct_conn.ptnr1_auth_seq_id 
_struct_conn.ptnr2_auth_asym_id 
_struct_conn.ptnr2_auth_comp_id 
_struct_conn.ptnr2_auth_seq_id 
_struct_conn.ptnr2_symmetry 
_struct_conn.pdbx_ptnr3_label_atom_id 
_struct_conn.pdbx_ptnr3_label_seq_id 
_struct_conn.pdbx_ptnr3_label_comp_id 
_struct_conn.pdbx_ptnr3_label_asym_id 
_struct_conn.pdbx_ptnr3_label_alt_id 
_struct_conn.pdbx_ptnr3_PDB_ins_code 
_struct_conn.details 
_struct_conn.pdbx_dist_value 
_struct_conn.pdbx_value_order 
_struct_conn.pdbx_role 
covale1  covale both ? A ACE 1  C   ? ? ? 1_555 A LEU 2  N   ? ? A ACE 1   A LEU 2   1_555 ? ? ? ? ? ? ? 1.409 ? ? 
covale2  covale both ? A LEU 2  C   ? ? ? 1_555 A AIB 3  N   ? ? A LEU 2   A AIB 3   1_555 ? ? ? ? ? ? ? 1.333 ? ? 
covale3  covale both ? A AIB 3  C   ? ? ? 1_555 A GLU 4  N   ? ? A AIB 3   A GLU 4   1_555 ? ? ? ? ? ? ? 1.331 ? ? 
covale4  covale both ? A GLU 4  C   ? ? ? 1_555 A AIB 5  N   ? ? A GLU 4   A AIB 5   1_555 ? ? ? ? ? ? ? 1.333 ? ? 
covale5  covale both ? A AIB 5  C   ? ? ? 1_555 A LEU 6  N   ? ? A AIB 5   A LEU 6   1_555 ? ? ? ? ? ? ? 1.337 ? ? 
covale6  covale both ? A TYR 8  C   ? ? ? 1_555 A AIB 9  N   ? ? A TYR 8   A AIB 9   1_555 ? ? ? ? ? ? ? 1.333 ? ? 
covale7  covale both ? A AIB 9  C   ? ? ? 1_555 A LEU 10 N   ? ? A AIB 9   A LEU 10  1_555 ? ? ? ? ? ? ? 1.330 ? ? 
covale8  covale both ? A LEU 10 C   ? ? ? 1_555 A NH2 11 N   ? ? A LEU 10  A NH2 11  1_555 ? ? ? ? ? ? ? 1.418 ? ? 
covale9  covale both ? B ACE 1  C   ? ? ? 1_555 B LEU 2  N   ? ? B ACE 1   B LEU 2   1_555 ? ? ? ? ? ? ? 1.405 ? ? 
covale10 covale both ? B LEU 2  C   ? ? ? 1_555 B AIB 3  N   A ? B LEU 2   B AIB 3   1_555 ? ? ? ? ? ? ? 1.335 ? ? 
covale11 covale both ? B LEU 2  C   ? ? ? 1_555 B AIB 3  N   B ? B LEU 2   B AIB 3   1_555 ? ? ? ? ? ? ? 1.335 ? ? 
covale12 covale both ? B AIB 3  C   A ? ? 1_555 B GLU 4  N   A ? B AIB 3   B GLU 4   1_555 ? ? ? ? ? ? ? 1.317 ? ? 
covale13 covale both ? B AIB 3  C   B ? ? 1_555 B GLU 4  N   B ? B AIB 3   B GLU 4   1_555 ? ? ? ? ? ? ? 1.325 ? ? 
covale14 covale both ? B GLU 4  C   A ? ? 1_555 B AIB 5  N   ? ? B GLU 4   B AIB 5   1_555 ? ? ? ? ? ? ? 1.341 ? ? 
covale15 covale both ? B GLU 4  C   B ? ? 1_555 B AIB 5  N   ? ? B GLU 4   B AIB 5   1_555 ? ? ? ? ? ? ? 1.328 ? ? 
covale16 covale both ? B AIB 5  C   ? ? ? 1_555 B LEU 6  N   ? ? B AIB 5   B LEU 6   1_555 ? ? ? ? ? ? ? 1.336 ? ? 
covale17 covale both ? B TYR 8  C   A ? ? 1_555 B AIB 9  N   ? ? B TYR 8   B AIB 9   1_555 ? ? ? ? ? ? ? 1.332 ? ? 
covale18 covale both ? B TYR 8  C   B ? ? 1_555 B AIB 9  N   ? ? B TYR 8   B AIB 9   1_555 ? ? ? ? ? ? ? 1.328 ? ? 
covale19 covale both ? B AIB 9  C   ? ? ? 1_555 B LEU 10 N   ? ? B AIB 9   B LEU 10  1_555 ? ? ? ? ? ? ? 1.331 ? ? 
covale20 covale both ? B LEU 10 C   ? ? ? 1_555 B NH2 11 N   ? ? B LEU 10  B NH2 11  1_555 ? ? ? ? ? ? ? 1.416 ? ? 
metalc1  metalc ?    ? A GLU 4  OE1 ? ? ? 1_555 D CO  .  CO  ? ? A GLU 4   A CO  102 1_555 ? ? ? ? ? ? ? 2.113 ? ? 
metalc2  metalc ?    ? A GLU 4  OE2 ? ? ? 1_555 D CO  .  CO  ? ? A GLU 4   A CO  102 1_555 ? ? ? ? ? ? ? 2.132 ? ? 
metalc3  metalc ?    ? A HIS 7  ND1 ? ? ? 1_555 D CO  .  CO  ? ? A HIS 7   A CO  102 1_555 ? ? ? ? ? ? ? 2.138 ? ? 
metalc4  metalc ?    ? D CO  .  CO  ? ? ? 1_555 E HOH .  O   A ? A CO  102 A HOH 201 1_555 ? ? ? ? ? ? ? 2.084 ? ? 
metalc5  metalc ?    ? D CO  .  CO  ? ? ? 1_545 B GLU 4  OE2 A ? A CO  102 B GLU 4   1_555 ? ? ? ? ? ? ? 2.015 ? ? 
metalc6  metalc ?    ? D CO  .  CO  ? ? ? 1_545 B GLU 4  OE2 B ? A CO  102 B GLU 4   1_555 ? ? ? ? ? ? ? 1.759 ? ? 
metalc7  metalc ?    ? D CO  .  CO  ? ? ? 1_555 F HOH .  O   ? ? A CO  102 B HOH 101 1_555 ? ? ? ? ? ? ? 2.173 ? ? 
# 
loop_
_struct_conn_type.id 
_struct_conn_type.criteria 
_struct_conn_type.reference 
covale ? ? 
metalc ? ? 
# 
loop_
_pdbx_struct_conn_angle.id 
_pdbx_struct_conn_angle.ptnr1_label_atom_id 
_pdbx_struct_conn_angle.ptnr1_label_alt_id 
_pdbx_struct_conn_angle.ptnr1_label_asym_id 
_pdbx_struct_conn_angle.ptnr1_label_comp_id 
_pdbx_struct_conn_angle.ptnr1_label_seq_id 
_pdbx_struct_conn_angle.ptnr1_auth_atom_id 
_pdbx_struct_conn_angle.ptnr1_auth_asym_id 
_pdbx_struct_conn_angle.ptnr1_auth_comp_id 
_pdbx_struct_conn_angle.ptnr1_auth_seq_id 
_pdbx_struct_conn_angle.ptnr1_PDB_ins_code 
_pdbx_struct_conn_angle.ptnr1_symmetry 
_pdbx_struct_conn_angle.ptnr2_label_atom_id 
_pdbx_struct_conn_angle.ptnr2_label_alt_id 
_pdbx_struct_conn_angle.ptnr2_label_asym_id 
_pdbx_struct_conn_angle.ptnr2_label_comp_id 
_pdbx_struct_conn_angle.ptnr2_label_seq_id 
_pdbx_struct_conn_angle.ptnr2_auth_atom_id 
_pdbx_struct_conn_angle.ptnr2_auth_asym_id 
_pdbx_struct_conn_angle.ptnr2_auth_comp_id 
_pdbx_struct_conn_angle.ptnr2_auth_seq_id 
_pdbx_struct_conn_angle.ptnr2_PDB_ins_code 
_pdbx_struct_conn_angle.ptnr2_symmetry 
_pdbx_struct_conn_angle.ptnr3_label_atom_id 
_pdbx_struct_conn_angle.ptnr3_label_alt_id 
_pdbx_struct_conn_angle.ptnr3_label_asym_id 
_pdbx_struct_conn_angle.ptnr3_label_comp_id 
_pdbx_struct_conn_angle.ptnr3_label_seq_id 
_pdbx_struct_conn_angle.ptnr3_auth_atom_id 
_pdbx_struct_conn_angle.ptnr3_auth_asym_id 
_pdbx_struct_conn_angle.ptnr3_auth_comp_id 
_pdbx_struct_conn_angle.ptnr3_auth_seq_id 
_pdbx_struct_conn_angle.ptnr3_PDB_ins_code 
_pdbx_struct_conn_angle.ptnr3_symmetry 
_pdbx_struct_conn_angle.value 
_pdbx_struct_conn_angle.value_esd 
1  OE1 ? A GLU 4 ? A GLU 4   ? 1_555 CO ? D CO . ? A CO 102 ? 1_555 OE2 ? A GLU 4 ? A GLU 4   ? 1_555 61.9  ? 
2  OE1 ? A GLU 4 ? A GLU 4   ? 1_555 CO ? D CO . ? A CO 102 ? 1_555 ND1 ? A HIS 7 ? A HIS 7   ? 1_555 102.4 ? 
3  OE2 ? A GLU 4 ? A GLU 4   ? 1_555 CO ? D CO . ? A CO 102 ? 1_555 ND1 ? A HIS 7 ? A HIS 7   ? 1_555 163.4 ? 
4  OE1 ? A GLU 4 ? A GLU 4   ? 1_555 CO ? D CO . ? A CO 102 ? 1_555 O   A E HOH . ? A HOH 201 ? 1_555 95.9  ? 
5  OE2 ? A GLU 4 ? A GLU 4   ? 1_555 CO ? D CO . ? A CO 102 ? 1_555 O   A E HOH . ? A HOH 201 ? 1_555 85.4  ? 
6  ND1 ? A HIS 7 ? A HIS 7   ? 1_555 CO ? D CO . ? A CO 102 ? 1_555 O   A E HOH . ? A HOH 201 ? 1_555 91.6  ? 
7  OE1 ? A GLU 4 ? A GLU 4   ? 1_555 CO ? D CO . ? A CO 102 ? 1_555 OE2 A B GLU 4 ? B GLU 4   ? 1_555 82.6  ? 
8  OE2 ? A GLU 4 ? A GLU 4   ? 1_555 CO ? D CO . ? A CO 102 ? 1_555 OE2 A B GLU 4 ? B GLU 4   ? 1_555 133.0 ? 
9  ND1 ? A HIS 7 ? A HIS 7   ? 1_555 CO ? D CO . ? A CO 102 ? 1_555 OE2 A B GLU 4 ? B GLU 4   ? 1_555 42.0  ? 
10 O   A E HOH . ? A HOH 201 ? 1_555 CO ? D CO . ? A CO 102 ? 1_555 OE2 A B GLU 4 ? B GLU 4   ? 1_555 130.6 ? 
11 OE1 ? A GLU 4 ? A GLU 4   ? 1_555 CO ? D CO . ? A CO 102 ? 1_555 OE2 B B GLU 4 ? B GLU 4   ? 1_555 81.5  ? 
12 OE2 ? A GLU 4 ? A GLU 4   ? 1_555 CO ? D CO . ? A CO 102 ? 1_555 OE2 B B GLU 4 ? B GLU 4   ? 1_555 132.5 ? 
13 ND1 ? A HIS 7 ? A HIS 7   ? 1_555 CO ? D CO . ? A CO 102 ? 1_555 OE2 B B GLU 4 ? B GLU 4   ? 1_555 42.1  ? 
14 O   A E HOH . ? A HOH 201 ? 1_555 CO ? D CO . ? A CO 102 ? 1_555 OE2 B B GLU 4 ? B GLU 4   ? 1_555 130.2 ? 
15 OE2 A B GLU 4 ? B GLU 4   ? 1_555 CO ? D CO . ? A CO 102 ? 1_555 OE2 B B GLU 4 ? B GLU 4   ? 1_555 1.1   ? 
16 OE1 ? A GLU 4 ? A GLU 4   ? 1_555 CO ? D CO . ? A CO 102 ? 1_555 O   ? F HOH . ? B HOH 101 ? 1_555 77.6  ? 
17 OE2 ? A GLU 4 ? A GLU 4   ? 1_555 CO ? D CO . ? A CO 102 ? 1_555 O   ? F HOH . ? B HOH 101 ? 1_555 90.1  ? 
18 ND1 ? A HIS 7 ? A HIS 7   ? 1_555 CO ? D CO . ? A CO 102 ? 1_555 O   ? F HOH . ? B HOH 101 ? 1_555 91.3  ? 
19 O   A E HOH . ? A HOH 201 ? 1_555 CO ? D CO . ? A CO 102 ? 1_555 O   ? F HOH . ? B HOH 101 ? 1_555 173.3 ? 
20 OE2 A B GLU 4 ? B GLU 4   ? 1_555 CO ? D CO . ? A CO 102 ? 1_555 O   ? F HOH . ? B HOH 101 ? 1_555 50.7  ? 
21 OE2 B B GLU 4 ? B GLU 4   ? 1_555 CO ? D CO . ? A CO 102 ? 1_555 O   ? F HOH . ? B HOH 101 ? 1_555 50.9  ? 
# 
loop_
_pdbx_modification_feature.ordinal 
_pdbx_modification_feature.label_comp_id 
_pdbx_modification_feature.label_asym_id 
_pdbx_modification_feature.label_seq_id 
_pdbx_modification_feature.label_alt_id 
_pdbx_modification_feature.modified_residue_label_comp_id 
_pdbx_modification_feature.modified_residue_label_asym_id 
_pdbx_modification_feature.modified_residue_label_seq_id 
_pdbx_modification_feature.modified_residue_label_alt_id 
_pdbx_modification_feature.auth_comp_id 
_pdbx_modification_feature.auth_asym_id 
_pdbx_modification_feature.auth_seq_id 
_pdbx_modification_feature.PDB_ins_code 
_pdbx_modification_feature.symmetry 
_pdbx_modification_feature.modified_residue_auth_comp_id 
_pdbx_modification_feature.modified_residue_auth_asym_id 
_pdbx_modification_feature.modified_residue_auth_seq_id 
_pdbx_modification_feature.modified_residue_PDB_ins_code 
_pdbx_modification_feature.modified_residue_symmetry 
_pdbx_modification_feature.comp_id_linking_atom 
_pdbx_modification_feature.modified_residue_id_linking_atom 
_pdbx_modification_feature.modified_residue_id 
_pdbx_modification_feature.ref_pcm_id 
_pdbx_modification_feature.ref_comp_id 
_pdbx_modification_feature.type 
_pdbx_modification_feature.category 
1  AIB A 3  ? .   . .  . AIB A 3  ? 1_555 .   . .  . .     . . ALA 1  AIB Methylation 'Named protein modification' 
2  AIB A 5  ? .   . .  . AIB A 5  ? 1_555 .   . .  . .     . . ALA 1  AIB Methylation 'Named protein modification' 
3  AIB A 9  ? .   . .  . AIB A 9  ? 1_555 .   . .  . .     . . ALA 1  AIB Methylation 'Named protein modification' 
4  AIB B 3  A .   . .  . AIB B 3  ? 1_555 .   . .  . .     . . ALA 1  AIB Methylation 'Named protein modification' 
5  AIB B 3  B .   . .  . AIB B 3  ? 1_555 .   . .  . .     . . ALA 1  AIB Methylation 'Named protein modification' 
6  AIB B 5  ? .   . .  . AIB B 5  ? 1_555 .   . .  . .     . . ALA 1  AIB Methylation 'Named protein modification' 
7  AIB B 9  ? .   . .  . AIB B 9  ? 1_555 .   . .  . .     . . ALA 1  AIB Methylation 'Named protein modification' 
8  ACE A 1  ? LEU A 2  ? ACE A 1  ? 1_555 LEU A 2  ? 1_555 . . LEU 14 ACE None        'Terminal acetylation'       
9  ACE B 1  ? LEU B 2  ? ACE B 1  ? 1_555 LEU B 2  ? 1_555 . . LEU 14 ACE None        'Terminal acetylation'       
10 NH2 A 11 ? LEU A 10 ? NH2 A 11 ? 1_555 LEU A 10 ? 1_555 . . LEU 14 NH2 None        'Terminal amidation'         
11 NH2 B 11 ? LEU B 10 ? NH2 B 11 ? 1_555 LEU B 10 ? 1_555 . . LEU 14 NH2 None        'Terminal amidation'         
# 
_pdbx_entry_details.entry_id                   9MNV 
_pdbx_entry_details.nonpolymer_details         ? 
_pdbx_entry_details.sequence_details           ? 
_pdbx_entry_details.compound_details           ? 
_pdbx_entry_details.source_details             ? 
_pdbx_entry_details.has_ligand_of_interest     N 
_pdbx_entry_details.has_protein_modification   Y 
# 
_space_group_symop.id              1 
_space_group_symop.operation_xyz   x,y,z 
# 
loop_
_chem_comp_atom.comp_id 
_chem_comp_atom.atom_id 
_chem_comp_atom.type_symbol 
_chem_comp_atom.pdbx_aromatic_flag 
_chem_comp_atom.pdbx_stereo_config 
_chem_comp_atom.pdbx_ordinal 
ACE C    C  N N 1   
ACE O    O  N N 2   
ACE CH3  C  N N 3   
ACE H    H  N N 4   
ACE H1   H  N N 5   
ACE H2   H  N N 6   
ACE H3   H  N N 7   
AIB N    N  N N 8   
AIB CA   C  N N 9   
AIB C    C  N N 10  
AIB O    O  N N 11  
AIB OXT  O  N N 12  
AIB CB1  C  N N 13  
AIB CB2  C  N N 14  
AIB H    H  N N 15  
AIB H2   H  N N 16  
AIB HXT  H  N N 17  
AIB HB11 H  N N 18  
AIB HB12 H  N N 19  
AIB HB13 H  N N 20  
AIB HB21 H  N N 21  
AIB HB22 H  N N 22  
AIB HB23 H  N N 23  
CO  CO   CO N N 24  
GLU N    N  N N 25  
GLU CA   C  N S 26  
GLU C    C  N N 27  
GLU O    O  N N 28  
GLU CB   C  N N 29  
GLU CG   C  N N 30  
GLU CD   C  N N 31  
GLU OE1  O  N N 32  
GLU OE2  O  N N 33  
GLU OXT  O  N N 34  
GLU H    H  N N 35  
GLU H2   H  N N 36  
GLU HA   H  N N 37  
GLU HB2  H  N N 38  
GLU HB3  H  N N 39  
GLU HG2  H  N N 40  
GLU HG3  H  N N 41  
GLU HE2  H  N N 42  
GLU HXT  H  N N 43  
HIS N    N  N N 44  
HIS CA   C  N S 45  
HIS C    C  N N 46  
HIS O    O  N N 47  
HIS CB   C  N N 48  
HIS CG   C  Y N 49  
HIS ND1  N  Y N 50  
HIS CD2  C  Y N 51  
HIS CE1  C  Y N 52  
HIS NE2  N  Y N 53  
HIS OXT  O  N N 54  
HIS H    H  N N 55  
HIS H2   H  N N 56  
HIS HA   H  N N 57  
HIS HB2  H  N N 58  
HIS HB3  H  N N 59  
HIS HD1  H  N N 60  
HIS HD2  H  N N 61  
HIS HE1  H  N N 62  
HIS HE2  H  N N 63  
HIS HXT  H  N N 64  
HOH O    O  N N 65  
HOH H1   H  N N 66  
HOH H2   H  N N 67  
LEU N    N  N N 68  
LEU CA   C  N S 69  
LEU C    C  N N 70  
LEU O    O  N N 71  
LEU CB   C  N N 72  
LEU CG   C  N N 73  
LEU CD1  C  N N 74  
LEU CD2  C  N N 75  
LEU OXT  O  N N 76  
LEU H    H  N N 77  
LEU H2   H  N N 78  
LEU HA   H  N N 79  
LEU HB2  H  N N 80  
LEU HB3  H  N N 81  
LEU HG   H  N N 82  
LEU HD11 H  N N 83  
LEU HD12 H  N N 84  
LEU HD13 H  N N 85  
LEU HD21 H  N N 86  
LEU HD22 H  N N 87  
LEU HD23 H  N N 88  
LEU HXT  H  N N 89  
MOH C    C  N N 90  
MOH O    O  N N 91  
MOH H1   H  N N 92  
MOH H2   H  N N 93  
MOH H3   H  N N 94  
MOH HO   H  N N 95  
NH2 N    N  N N 96  
NH2 HN1  H  N N 97  
NH2 HN2  H  N N 98  
TYR N    N  N N 99  
TYR CA   C  N S 100 
TYR C    C  N N 101 
TYR O    O  N N 102 
TYR CB   C  N N 103 
TYR CG   C  Y N 104 
TYR CD1  C  Y N 105 
TYR CD2  C  Y N 106 
TYR CE1  C  Y N 107 
TYR CE2  C  Y N 108 
TYR CZ   C  Y N 109 
TYR OH   O  N N 110 
TYR OXT  O  N N 111 
TYR H    H  N N 112 
TYR H2   H  N N 113 
TYR HA   H  N N 114 
TYR HB2  H  N N 115 
TYR HB3  H  N N 116 
TYR HD1  H  N N 117 
TYR HD2  H  N N 118 
TYR HE1  H  N N 119 
TYR HE2  H  N N 120 
TYR HH   H  N N 121 
TYR HXT  H  N N 122 
# 
loop_
_chem_comp_bond.comp_id 
_chem_comp_bond.atom_id_1 
_chem_comp_bond.atom_id_2 
_chem_comp_bond.value_order 
_chem_comp_bond.pdbx_aromatic_flag 
_chem_comp_bond.pdbx_stereo_config 
_chem_comp_bond.pdbx_ordinal 
ACE C   O    doub N N 1   
ACE C   CH3  sing N N 2   
ACE C   H    sing N N 3   
ACE CH3 H1   sing N N 4   
ACE CH3 H2   sing N N 5   
ACE CH3 H3   sing N N 6   
AIB N   CA   sing N N 7   
AIB N   H    sing N N 8   
AIB N   H2   sing N N 9   
AIB CA  C    sing N N 10  
AIB CA  CB1  sing N N 11  
AIB CA  CB2  sing N N 12  
AIB C   O    doub N N 13  
AIB C   OXT  sing N N 14  
AIB OXT HXT  sing N N 15  
AIB CB1 HB11 sing N N 16  
AIB CB1 HB12 sing N N 17  
AIB CB1 HB13 sing N N 18  
AIB CB2 HB21 sing N N 19  
AIB CB2 HB22 sing N N 20  
AIB CB2 HB23 sing N N 21  
GLU N   CA   sing N N 22  
GLU N   H    sing N N 23  
GLU N   H2   sing N N 24  
GLU CA  C    sing N N 25  
GLU CA  CB   sing N N 26  
GLU CA  HA   sing N N 27  
GLU C   O    doub N N 28  
GLU C   OXT  sing N N 29  
GLU CB  CG   sing N N 30  
GLU CB  HB2  sing N N 31  
GLU CB  HB3  sing N N 32  
GLU CG  CD   sing N N 33  
GLU CG  HG2  sing N N 34  
GLU CG  HG3  sing N N 35  
GLU CD  OE1  doub N N 36  
GLU CD  OE2  sing N N 37  
GLU OE2 HE2  sing N N 38  
GLU OXT HXT  sing N N 39  
HIS N   CA   sing N N 40  
HIS N   H    sing N N 41  
HIS N   H2   sing N N 42  
HIS CA  C    sing N N 43  
HIS CA  CB   sing N N 44  
HIS CA  HA   sing N N 45  
HIS C   O    doub N N 46  
HIS C   OXT  sing N N 47  
HIS CB  CG   sing N N 48  
HIS CB  HB2  sing N N 49  
HIS CB  HB3  sing N N 50  
HIS CG  ND1  sing Y N 51  
HIS CG  CD2  doub Y N 52  
HIS ND1 CE1  doub Y N 53  
HIS ND1 HD1  sing N N 54  
HIS CD2 NE2  sing Y N 55  
HIS CD2 HD2  sing N N 56  
HIS CE1 NE2  sing Y N 57  
HIS CE1 HE1  sing N N 58  
HIS NE2 HE2  sing N N 59  
HIS OXT HXT  sing N N 60  
HOH O   H1   sing N N 61  
HOH O   H2   sing N N 62  
LEU N   CA   sing N N 63  
LEU N   H    sing N N 64  
LEU N   H2   sing N N 65  
LEU CA  C    sing N N 66  
LEU CA  CB   sing N N 67  
LEU CA  HA   sing N N 68  
LEU C   O    doub N N 69  
LEU C   OXT  sing N N 70  
LEU CB  CG   sing N N 71  
LEU CB  HB2  sing N N 72  
LEU CB  HB3  sing N N 73  
LEU CG  CD1  sing N N 74  
LEU CG  CD2  sing N N 75  
LEU CG  HG   sing N N 76  
LEU CD1 HD11 sing N N 77  
LEU CD1 HD12 sing N N 78  
LEU CD1 HD13 sing N N 79  
LEU CD2 HD21 sing N N 80  
LEU CD2 HD22 sing N N 81  
LEU CD2 HD23 sing N N 82  
LEU OXT HXT  sing N N 83  
MOH C   O    sing N N 84  
MOH C   H1   sing N N 85  
MOH C   H2   sing N N 86  
MOH C   H3   sing N N 87  
MOH O   HO   sing N N 88  
NH2 N   HN1  sing N N 89  
NH2 N   HN2  sing N N 90  
TYR N   CA   sing N N 91  
TYR N   H    sing N N 92  
TYR N   H2   sing N N 93  
TYR CA  C    sing N N 94  
TYR CA  CB   sing N N 95  
TYR CA  HA   sing N N 96  
TYR C   O    doub N N 97  
TYR C   OXT  sing N N 98  
TYR CB  CG   sing N N 99  
TYR CB  HB2  sing N N 100 
TYR CB  HB3  sing N N 101 
TYR CG  CD1  doub Y N 102 
TYR CG  CD2  sing Y N 103 
TYR CD1 CE1  sing Y N 104 
TYR CD1 HD1  sing N N 105 
TYR CD2 CE2  doub Y N 106 
TYR CD2 HD2  sing N N 107 
TYR CE1 CZ   doub Y N 108 
TYR CE1 HE1  sing N N 109 
TYR CE2 CZ   sing Y N 110 
TYR CE2 HE2  sing N N 111 
TYR CZ  OH   sing N N 112 
TYR OH  HH   sing N N 113 
TYR OXT HXT  sing N N 114 
# 
loop_
_pdbx_audit_support.funding_organization 
_pdbx_audit_support.country 
_pdbx_audit_support.grant_number 
_pdbx_audit_support.ordinal 
'National Institutes of Health/National Institute of General Medical Sciences (NIH/NIGMS)' 'United States' 1R35GM15479301    1 
'Department of Energy (DOE, United States)'                                                'United States' DE-AC02-06CH11357 2 
# 
_pdbx_initial_refinement_model.id               1 
_pdbx_initial_refinement_model.entity_id_list   ? 
_pdbx_initial_refinement_model.type             'experimental model' 
_pdbx_initial_refinement_model.source_name      PDB 
_pdbx_initial_refinement_model.accession_code   7TLS 
_pdbx_initial_refinement_model.details          ? 
# 
_space_group.name_H-M_alt     'P 1' 
_space_group.name_Hall        'P 1' 
_space_group.IT_number        1 
_space_group.crystal_system   triclinic 
_space_group.id               1 
# 
_atom_sites.entry_id                    9MNV 
_atom_sites.Cartn_transf_matrix[1][1]   ? 
_atom_sites.Cartn_transf_matrix[1][2]   ? 
_atom_sites.Cartn_transf_matrix[1][3]   ? 
_atom_sites.Cartn_transf_matrix[2][1]   ? 
_atom_sites.Cartn_transf_matrix[2][2]   ? 
_atom_sites.Cartn_transf_matrix[2][3]   ? 
_atom_sites.Cartn_transf_matrix[3][1]   ? 
_atom_sites.Cartn_transf_matrix[3][2]   ? 
_atom_sites.Cartn_transf_matrix[3][3]   ? 
_atom_sites.Cartn_transf_vector[1]      ? 
_atom_sites.Cartn_transf_vector[2]      ? 
_atom_sites.Cartn_transf_vector[3]      ? 
_atom_sites.Cartn_transform_axes        ? 
_atom_sites.fract_transf_matrix[1][1]   -0.08593721 
_atom_sites.fract_transf_matrix[1][2]   -0.05393292 
_atom_sites.fract_transf_matrix[1][3]   -0.03241622 
_atom_sites.fract_transf_matrix[2][1]   -0.01434796 
_atom_sites.fract_transf_matrix[2][2]   -0.04596646 
_atom_sites.fract_transf_matrix[2][3]   0.04376655 
_atom_sites.fract_transf_matrix[3][1]   -0.03890116 
_atom_sites.fract_transf_matrix[3][2]   0.02340382 
_atom_sites.fract_transf_matrix[3][3]   0.02142664 
_atom_sites.fract_transf_vector[1]      -0.634366 
_atom_sites.fract_transf_vector[2]      -0.199228 
_atom_sites.fract_transf_vector[3]      -0.435271 
_atom_sites.solution_primary            ? 
_atom_sites.solution_secondary          ? 
_atom_sites.solution_hydrogens          ? 
_atom_sites.special_details             ? 
# 
loop_
_atom_type.symbol 
_atom_type.scat_dispersion_real 
_atom_type.scat_dispersion_imag 
_atom_type.scat_Cromer_Mann_a1 
_atom_type.scat_Cromer_Mann_a2 
_atom_type.scat_Cromer_Mann_a3 
_atom_type.scat_Cromer_Mann_a4 
_atom_type.scat_Cromer_Mann_b1 
_atom_type.scat_Cromer_Mann_b2 
_atom_type.scat_Cromer_Mann_b3 
_atom_type.scat_Cromer_Mann_b4 
_atom_type.scat_Cromer_Mann_c 
_atom_type.scat_source 
_atom_type.scat_dispersion_source 
C  ? ? 2.51340  1.74867 1.72398 ? 31.80534 0.44561  10.58317 ? 0.0 
;3-Gaussian fit: Grosse-Kunstleve RW, Sauter NK, Adams PD: Newsletter of the IUCr Commission on Crystallographic Computing 2004, 3, 22-31.
;
? 
CO ? ? 14.25116 9.13684 3.55259 ? 5.36759  0.30544  48.44770 ? 0.0 
;3-Gaussian fit: Grosse-Kunstleve RW, Sauter NK, Adams PD: Newsletter of the IUCr Commission on Crystallographic Computing 2004, 3, 22-31.
;
? 
H  ? ? 0.53795  0.34799 0.11320 ? 10.08003 29.74760 2.57510  ? 0.0 
;3-Gaussian fit: Grosse-Kunstleve RW, Sauter NK, Adams PD: Newsletter of the IUCr Commission on Crystallographic Computing 2004, 3, 22-31.
;
? 
N  ? ? 2.99955  2.25584 1.72788 ? 23.27268 7.45433  0.31622  ? 0.0 
;3-Gaussian fit: Grosse-Kunstleve RW, Sauter NK, Adams PD: Newsletter of the IUCr Commission on Crystallographic Computing 2004, 3, 22-31.
;
? 
O  ? ? 3.21184  3.04156 1.73156 ? 18.83700 5.90590  0.24126  ? 0.0 
;3-Gaussian fit: Grosse-Kunstleve RW, Sauter NK, Adams PD: Newsletter of the IUCr Commission on Crystallographic Computing 2004, 3, 22-31.
;
? 
# 
loop_
_atom_site.group_PDB 
_atom_site.id 
_atom_site.type_symbol 
_atom_site.label_atom_id 
_atom_site.label_alt_id 
_atom_site.label_comp_id 
_atom_site.label_asym_id 
_atom_site.label_entity_id 
_atom_site.label_seq_id 
_atom_site.pdbx_PDB_ins_code 
_atom_site.Cartn_x 
_atom_site.Cartn_y 
_atom_site.Cartn_z 
_atom_site.occupancy 
_atom_site.B_iso_or_equiv 
_atom_site.pdbx_formal_charge 
_atom_site.auth_seq_id 
_atom_site.auth_comp_id 
_atom_site.auth_asym_id 
_atom_site.auth_atom_id 
_atom_site.pdbx_PDB_model_num 
HETATM 1   C  C    . ACE A 1 1  ? -8.72776  -6.78610  5.13110   1.000 4.28279  ? 1   ACE A C    1 
HETATM 2   O  O    . ACE A 1 1  ? -8.14409  -5.93416  4.48568   1.000 5.93141  ? 1   ACE A O    1 
HETATM 3   C  CH3  . ACE A 1 1  ? -8.91470  -8.22849  4.67261   1.000 4.26481  ? 1   ACE A CH3  1 
HETATM 4   H  H1   . ACE A 1 1  ? -9.20334  -8.28780  3.74846   1.000 5.11777  ? 1   ACE A H1   1 
HETATM 5   H  H2   . ACE A 1 1  ? -8.09674  -8.74576  4.73800   1.000 5.11777  ? 1   ACE A H2   1 
HETATM 6   H  H3   . ACE A 1 1  ? -9.57983  -8.69986  5.19827   1.000 5.11777  ? 1   ACE A H3   1 
ATOM   7   N  N    . LEU A 1 2  ? -9.32404  -6.48395  6.37098   1.000 3.52369  ? 2   LEU A N    1 
ATOM   8   C  CA   . LEU A 1 2  ? -9.38566  -5.12035  6.85031   1.000 3.48458  ? 2   LEU A CA   1 
ATOM   9   C  C    . LEU A 1 2  ? -8.02787  -4.42003  6.94881   1.000 3.28542  ? 2   LEU A C    1 
ATOM   10  O  O    . LEU A 1 2  ? -7.88450  -3.29586  6.46753   1.000 3.53993  ? 2   LEU A O    1 
ATOM   11  C  CB   . LEU A 1 2  ? -10.07543 -5.13593  8.21836   1.000 3.88544  ? 2   LEU A CB   1 
ATOM   12  C  CG   . LEU A 1 2  ? -10.11033 -3.80321  8.95983   1.000 4.74020  ? 2   LEU A CG   1 
ATOM   13  C  CD1  . LEU A 1 2  ? -10.80799 -2.71818  8.15773   1.000 5.47737  ? 2   LEU A CD1  1 
ATOM   14  C  CD2  . LEU A 1 2  ? -10.76367 -4.03045  10.30581  1.000 5.24925  ? 2   LEU A CD2  1 
ATOM   15  H  H    . LEU A 1 2  ? -9.27924  -7.07280  6.99616   1.000 4.22843  ? 2   LEU A H    1 
ATOM   16  H  HA   . LEU A 1 2  ? -9.88723  -4.59043  6.21116   1.000 4.18150  ? 2   LEU A HA   1 
ATOM   17  H  HB2  . LEU A 1 2  ? -10.99447 -5.41895  8.09126   1.000 4.66253  ? 2   LEU A HB2  1 
ATOM   18  H  HB3  . LEU A 1 2  ? -9.60876  -5.76915  8.78594   1.000 4.66253  ? 2   LEU A HB3  1 
ATOM   19  H  HG   . LEU A 1 2  ? -9.20849  -3.47238  9.09451   1.000 5.68824  ? 2   LEU A HG   1 
ATOM   20  H  HD11 . LEU A 1 2  ? -10.84964 -1.90883  8.69075   1.000 6.57285  ? 2   LEU A HD11 1 
ATOM   21  H  HD12 . LEU A 1 2  ? -10.30489 -2.55345  7.34493   1.000 6.57285  ? 2   LEU A HD12 1 
ATOM   22  H  HD13 . LEU A 1 2  ? -11.70458 -3.01556  7.93726   1.000 6.57285  ? 2   LEU A HD13 1 
ATOM   23  H  HD21 . LEU A 1 2  ? -10.87239 -3.17623  10.75233  1.000 6.29910  ? 2   LEU A HD21 1 
ATOM   24  H  HD22 . LEU A 1 2  ? -11.62987 -4.44549  10.17035  1.000 6.29910  ? 2   LEU A HD22 1 
ATOM   25  H  HD23 . LEU A 1 2  ? -10.19779 -4.61190  10.83740  1.000 6.29910  ? 2   LEU A HD23 1 
HETATM 26  N  N    . AIB A 1 3  ? -7.06695  -5.04626  7.62894   1.000 3.37210  ? 3   AIB A N    1 
HETATM 27  C  CA   . AIB A 1 3  ? -5.80243  -4.38542  7.94162   1.000 3.61266  ? 3   AIB A CA   1 
HETATM 28  C  C    . AIB A 1 3  ? -5.18568  -3.84448  6.65103   1.000 3.78255  ? 3   AIB A C    1 
HETATM 29  O  O    . AIB A 1 3  ? -4.70382  -2.70821  6.58586   1.000 4.27341  ? 3   AIB A O    1 
HETATM 30  C  CB1  . AIB A 1 3  ? -6.01625  -3.24476  8.95483   1.000 4.10729  ? 3   AIB A CB1  1 
HETATM 31  C  CB2  . AIB A 1 3  ? -4.83550  -5.41690  8.53701   1.000 3.81927  ? 3   AIB A CB2  1 
HETATM 32  H  H    . AIB A 1 3  ? -7.12412  -5.85361  7.91969   1.000 4.04652  ? 3   AIB A H    1 
HETATM 33  H  HB11 . AIB A 1 3  ? -6.62201  -2.56809  8.61412   1.000 4.92875  ? 3   AIB A HB11 1 
HETATM 34  H  HB12 . AIB A 1 3  ? -6.39240  -3.56812  9.78840   1.000 4.92875  ? 3   AIB A HB12 1 
HETATM 35  H  HB13 . AIB A 1 3  ? -5.18467  -2.79618  9.17423   1.000 4.92875  ? 3   AIB A HB13 1 
HETATM 36  H  HB21 . AIB A 1 3  ? -5.16823  -5.77636  9.37425   1.000 4.58312  ? 3   AIB A HB21 1 
HETATM 37  H  HB22 . AIB A 1 3  ? -4.69839  -6.16598  7.93621   1.000 4.58312  ? 3   AIB A HB22 1 
HETATM 38  H  HB23 . AIB A 1 3  ? -3.96499  -5.02829  8.71614   1.000 4.58312  ? 3   AIB A HB23 1 
ATOM   39  N  N    . GLU A 1 4  ? -5.17168  -4.70070  5.63200   1.000 3.81108  ? 4   GLU A N    1 
ATOM   40  C  CA   . GLU A 1 4  ? -4.48562  -4.32959  4.40120   1.000 4.04772  ? 4   GLU A CA   1 
ATOM   41  C  C    . GLU A 1 4  ? -5.33723  -3.46327  3.48078   1.000 3.82930  ? 4   GLU A C    1 
ATOM   42  O  O    . GLU A 1 4  ? -4.77781  -2.59538  2.80855   1.000 3.99403  ? 4   GLU A O    1 
ATOM   43  C  CB   . GLU A 1 4  ? -3.90739  -5.54662  3.69243   1.000 5.08512  ? 4   GLU A CB   1 
ATOM   44  C  CG   . GLU A 1 4  ? -2.69553  -6.10595  4.42944   1.000 5.52298  ? 4   GLU A CG   1 
ATOM   45  C  CD   . GLU A 1 4  ? -1.53259  -5.10156  4.56245   1.000 6.01803  ? 4   GLU A CD   1 
ATOM   46  O  OE1  . GLU A 1 4  ? -1.64582  -3.95630  4.07474   1.000 5.84868  ? 4   GLU A OE1  1 
ATOM   47  O  OE2  . GLU A 1 4  ? -0.49927  -5.45704  5.17050   1.000 6.81351  ? 4   GLU A OE2  1 
ATOM   48  H  H    . GLU A 1 4  ? -5.54088  -5.47741  5.63043   1.000 4.57330  ? 4   GLU A H    1 
ATOM   49  H  HA   . GLU A 1 4  ? -3.72823  -3.77292  4.64075   1.000 4.85727  ? 4   GLU A HA   1 
ATOM   50  H  HB2  . GLU A 1 4  ? -4.58330  -6.24084  3.64649   1.000 6.10214  ? 4   GLU A HB2  1 
ATOM   51  H  HB3  . GLU A 1 4  ? -3.63014  -5.29381  2.79793   1.000 6.10214  ? 4   GLU A HB3  1 
ATOM   52  H  HG2  . GLU A 1 4  ? -2.96623  -6.36536  5.32404   1.000 6.62757  ? 4   GLU A HG2  1 
ATOM   53  H  HG3  . GLU A 1 4  ? -2.36498  -6.87897  3.94559   1.000 6.62757  ? 4   GLU A HG3  1 
HETATM 54  N  N    . AIB A 1 5  ? -6.65734  -3.64835  3.46698   1.000 3.55041  ? 5   AIB A N    1 
HETATM 55  C  CA   . AIB A 1 5  ? -7.53213  -2.70198  2.76039   1.000 3.82808  ? 5   AIB A CA   1 
HETATM 56  C  C    . AIB A 1 5  ? -7.19900  -1.27107  3.25381   1.000 3.56333  ? 5   AIB A C    1 
HETATM 57  O  O    . AIB A 1 5  ? -7.09754  -0.30679  2.48302   1.000 3.85361  ? 5   AIB A O    1 
HETATM 58  C  CB1  . AIB A 1 5  ? -7.35355  -2.80142  1.23267   1.000 4.35769  ? 5   AIB A CB1  1 
HETATM 59  C  CB2  . AIB A 1 5  ? -8.98194  -3.01050  3.11908   1.000 4.29326  ? 5   AIB A CB2  1 
HETATM 60  H  H    . AIB A 1 5  ? -7.06612  -4.30045  3.85073   1.000 4.26049  ? 5   AIB A H    1 
HETATM 61  H  HB11 . AIB A 1 5  ? -6.43526  -2.63979  0.96526   1.000 5.22923  ? 5   AIB A HB11 1 
HETATM 62  H  HB12 . AIB A 1 5  ? -7.59628  -3.67858  0.89717   1.000 5.22923  ? 5   AIB A HB12 1 
HETATM 63  H  HB13 . AIB A 1 5  ? -7.90363  -2.15576  0.76212   1.000 5.22923  ? 5   AIB A HB13 1 
HETATM 64  H  HB21 . AIB A 1 5  ? -9.25775  -3.87555  2.77775   1.000 5.15192  ? 5   AIB A HB21 1 
HETATM 65  H  HB22 . AIB A 1 5  ? -9.11699  -3.02349  4.07955   1.000 5.15192  ? 5   AIB A HB22 1 
HETATM 66  H  HB23 . AIB A 1 5  ? -9.58901  -2.34908  2.75181   1.000 5.15192  ? 5   AIB A HB23 1 
ATOM   67  N  N    . LEU A 1 6  ? -7.07368  -1.15898  4.58028   1.000 3.47821  ? 6   LEU A N    1 
ATOM   68  C  CA   . LEU A 1 6  ? -6.78469  0.13388   5.21621   1.000 3.47175  ? 6   LEU A CA   1 
ATOM   69  C  C    . LEU A 1 6  ? -5.40528  0.67232   4.84073   1.000 3.63927  ? 6   LEU A C    1 
ATOM   70  O  O    . LEU A 1 6  ? -5.27222  1.84519   4.49747   1.000 3.59340  ? 6   LEU A O    1 
ATOM   71  C  CB   . LEU A 1 6  ? -6.91678  -0.02832  6.73267   1.000 3.99546  ? 6   LEU A CB   1 
ATOM   72  C  CG   . LEU A 1 6  ? -6.54902  1.18528   7.58603   1.000 4.51224  ? 6   LEU A CG   1 
ATOM   73  C  CD1  . LEU A 1 6  ? -7.44144  2.37512   7.28559   1.000 4.86434  ? 6   LEU A CD1  1 
ATOM   74  C  CD2  . LEU A 1 6  ? -6.64544  0.78796   9.05426   1.000 5.06333  ? 6   LEU A CD2  1 
ATOM   75  H  H    . LEU A 1 6  ? -7.15102  -1.81352  5.13272   1.000 4.17386  ? 6   LEU A H    1 
ATOM   76  H  HA   . LEU A 1 6  ? -7.42002  0.79908   4.90839   1.000 4.16610  ? 6   LEU A HA   1 
ATOM   77  H  HB2  . LEU A 1 6  ? -7.84075  -0.24653  6.93161   1.000 4.79456  ? 6   LEU A HB2  1 
ATOM   78  H  HB3  . LEU A 1 6  ? -6.33737  -0.75586  7.00809   1.000 4.79456  ? 6   LEU A HB3  1 
ATOM   79  H  HG   . LEU A 1 6  ? -5.64359  1.46731   7.38220   1.000 5.41469  ? 6   LEU A HG   1 
ATOM   80  H  HD11 . LEU A 1 6  ? -7.19106  3.11188   7.86473   1.000 5.83721  ? 6   LEU A HD11 1 
ATOM   81  H  HD12 . LEU A 1 6  ? -7.32562  2.63024   6.35694   1.000 5.83721  ? 6   LEU A HD12 1 
ATOM   82  H  HD13 . LEU A 1 6  ? -8.36486  2.12614   7.44754   1.000 5.83721  ? 6   LEU A HD13 1 
ATOM   83  H  HD21 . LEU A 1 6  ? -6.38023  1.54215   9.60358   1.000 6.07600  ? 6   LEU A HD21 1 
ATOM   84  H  HD22 . LEU A 1 6  ? -7.56124  0.53873   9.25449   1.000 6.07600  ? 6   LEU A HD22 1 
ATOM   85  H  HD23 . LEU A 1 6  ? -6.05479  0.03602   9.21739   1.000 6.07600  ? 6   LEU A HD23 1 
ATOM   86  N  N    . HIS A 1 7  ? -4.37749  -0.17029  4.91176   1.000 3.73980  ? 7   HIS A N    1 
ATOM   87  C  CA   . HIS A 1 7  ? -3.05264  0.28401   4.50567   1.000 3.99518  ? 7   HIS A CA   1 
ATOM   88  C  C    . HIS A 1 7  ? -3.07590  0.80853   3.06491   1.000 3.71503  ? 7   HIS A C    1 
ATOM   89  O  O    . HIS A 1 7  ? -2.49254  1.86255   2.76833   1.000 4.33810  ? 7   HIS A O    1 
ATOM   90  C  CB   . HIS A 1 7  ? -2.05488  -0.85895  4.67935   1.000 4.79825  ? 7   HIS A CB   1 
ATOM   91  C  CG   . HIS A 1 7  ? -0.62669  -0.45346  4.49566   1.000 5.37416  ? 7   HIS A CG   1 
ATOM   92  N  ND1  . HIS A 1 7  ? 0.39259   -1.38084  4.50209   1.000 6.12311  ? 7   HIS A ND1  1 
ATOM   93  C  CD2  . HIS A 1 7  ? -0.04290  0.75492   4.30694   1.000 6.10582  ? 7   HIS A CD2  1 
ATOM   94  C  CE1  . HIS A 1 7  ? 1.54289   -0.75917  4.32695   1.000 6.89450  ? 7   HIS A CE1  1 
ATOM   95  N  NE2  . HIS A 1 7  ? 1.30856   0.53531   4.19860   1.000 6.65878  ? 7   HIS A NE2  1 
ATOM   96  H  H    . HIS A 1 7  ? -4.41931  -0.98526  5.18321   1.000 4.48776  ? 7   HIS A H    1 
ATOM   97  H  HA   . HIS A 1 7  ? -2.76142  1.01569   5.07199   1.000 4.79421  ? 7   HIS A HA   1 
ATOM   98  H  HB2  . HIS A 1 7  ? -2.14656  -1.21815  5.57571   1.000 5.75790  ? 7   HIS A HB2  1 
ATOM   99  H  HB3  . HIS A 1 7  ? -2.25282  -1.54663  4.02451   1.000 5.75790  ? 7   HIS A HB3  1 
ATOM   100 H  HD2  . HIS A 1 7  ? -0.47535  1.57691   4.25975   1.000 7.32698  ? 7   HIS A HD2  1 
ATOM   101 H  HE1  . HIS A 1 7  ? 2.37952   -1.16433  4.29853   1.000 8.27339  ? 7   HIS A HE1  1 
ATOM   102 H  HE2  . HIS A 1 7  ? 1.90494   1.14113   4.06849   1.000 7.99053  ? 7   HIS A HE2  1 
ATOM   103 N  N    . TYR A 1 8  ? -3.75781  0.10010   2.16992   1.000 3.77614  ? 8   TYR A N    1 
ATOM   104 C  CA   . TYR A 1 8  ? -3.86275  0.52911   0.78459   1.000 3.76301  ? 8   TYR A CA   1 
ATOM   105 C  C    . TYR A 1 8  ? -4.54328  1.89667   0.66426   1.000 3.67437  ? 8   TYR A C    1 
ATOM   106 O  O    . TYR A 1 8  ? -4.01217  2.81669   0.03725   1.000 4.04517  ? 8   TYR A O    1 
ATOM   107 C  CB   . TYR A 1 8  ? -4.58487  -0.53873  -0.06628  1.000 4.31230  ? 8   TYR A CB   1 
ATOM   108 C  CG   . TYR A 1 8  ? -4.54912  -0.18314  -1.52822  1.000 4.17275  ? 8   TYR A CG   1 
ATOM   109 C  CD1  . TYR A 1 8  ? -3.40960  -0.40100  -2.28963  1.000 5.33851  ? 8   TYR A CD1  1 
ATOM   110 C  CD2  . TYR A 1 8  ? -5.63872  0.43140   -2.14504  1.000 4.34617  ? 8   TYR A CD2  1 
ATOM   111 C  CE1  . TYR A 1 8  ? -3.35529  -0.02880  -3.62844  1.000 5.78419  ? 8   TYR A CE1  1 
ATOM   112 C  CE2  . TYR A 1 8  ? -5.58895  0.81749   -3.47923  1.000 4.79333  ? 8   TYR A CE2  1 
ATOM   113 C  CZ   . TYR A 1 8  ? -4.45390  0.57873   -4.21458  1.000 5.16219  ? 8   TYR A CZ   1 
ATOM   114 O  OH   . TYR A 1 8  ? -4.43605  0.97373   -5.52937  1.000 5.34481  ? 8   TYR A OH   1 
ATOM   115 H  H    . TYR A 1 8  ? -4.16926  -0.63496  2.34313   1.000 4.53136  ? 8   TYR A H    1 
ATOM   116 H  HA   . TYR A 1 8  ? -2.96981  0.62988   0.41933   1.000 4.51561  ? 8   TYR A HA   1 
ATOM   117 H  HB2  . TYR A 1 8  ? -4.14594  -1.39559  0.05222   1.000 5.17476  ? 8   TYR A HB2  1 
ATOM   118 H  HB3  . TYR A 1 8  ? -5.51196  -0.59952  0.21245   1.000 5.17476  ? 8   TYR A HB3  1 
ATOM   119 H  HD1  . TYR A 1 8  ? -2.66856  -0.80333  -1.89733  1.000 6.40622  ? 8   TYR A HD1  1 
ATOM   120 H  HD2  . TYR A 1 8  ? -6.41338  0.58578   -1.65415  1.000 5.21541  ? 8   TYR A HD2  1 
ATOM   121 H  HE1  . TYR A 1 8  ? -2.58637  -0.18669  -4.12718  1.000 6.94102  ? 8   TYR A HE1  1 
ATOM   122 H  HE2  . TYR A 1 8  ? -6.32085  1.23557   -3.87219  1.000 5.75200  ? 8   TYR A HE2  1 
ATOM   123 H  HH   . TYR A 1 8  ? -4.89074  1.67348   -5.62533  1.000 6.41377  ? 8   TYR A HH   1 
HETATM 124 N  N    . AIB A 1 9  ? -5.72031  2.01886   1.27702   1.000 3.55454  ? 9   AIB A N    1 
HETATM 125 C  CA   . AIB A 1 9  ? -6.50402  3.25244   1.23568   1.000 3.54307  ? 9   AIB A CA   1 
HETATM 126 C  C    . AIB A 1 9  ? -5.67054  4.45242   1.73850   1.000 3.24209  ? 9   AIB A C    1 
HETATM 127 O  O    . AIB A 1 9  ? -5.82293  5.59079   1.26673   1.000 3.76258  ? 9   AIB A O    1 
HETATM 128 C  CB1  . AIB A 1 9  ? -7.01054  3.54548   -0.19442  1.000 4.10313  ? 9   AIB A CB1  1 
HETATM 129 C  CB2  . AIB A 1 9  ? -7.69721  3.07178   2.17534   1.000 3.94653  ? 9   AIB A CB2  1 
HETATM 130 H  H    . AIB A 1 9  ? -6.09315  1.39087   1.73112   1.000 4.26545  ? 9   AIB A H    1 
HETATM 131 H  HB11 . AIB A 1 9  ? -6.27954  3.62579   -0.82695  1.000 4.92375  ? 9   AIB A HB11 1 
HETATM 132 H  HB12 . AIB A 1 9  ? -7.59309  2.84255   -0.52220  1.000 4.92375  ? 9   AIB A HB12 1 
HETATM 133 H  HB13 . AIB A 1 9  ? -7.51404  4.37350   -0.23648  1.000 4.92375  ? 9   AIB A HB13 1 
HETATM 134 H  HB21 . AIB A 1 9  ? -8.24616  2.31599   1.91394   1.000 4.73583  ? 9   AIB A HB21 1 
HETATM 135 H  HB22 . AIB A 1 9  ? -7.41155  2.91776   3.08944   1.000 4.73583  ? 9   AIB A HB22 1 
HETATM 136 H  HB23 . AIB A 1 9  ? -8.26928  3.85511   2.18049   1.000 4.73583  ? 9   AIB A HB23 1 
ATOM   137 N  N    . LEU A 1 10 ? -4.83833  4.19237   2.74332   1.000 3.43570  ? 10  LEU A N    1 
ATOM   138 C  CA   . LEU A 1 10 ? -4.06616  5.25302   3.38038   1.000 3.68667  ? 10  LEU A CA   1 
ATOM   139 C  C    . LEU A 1 10 ? -2.90864  5.75370   2.54761   1.000 3.95715  ? 10  LEU A C    1 
ATOM   140 O  O    . LEU A 1 10 ? -2.33650  6.79178   2.83819   1.000 4.29535  ? 10  LEU A O    1 
ATOM   141 C  CB   . LEU A 1 10 ? -3.52353  4.78906   4.73456   1.000 3.77875  ? 10  LEU A CB   1 
ATOM   142 C  CG   . LEU A 1 10 ? -4.56774  4.69792   5.85103   1.000 4.16730  ? 10  LEU A CG   1 
ATOM   143 C  CD1  . LEU A 1 10 ? -3.99468  3.92753   7.03397   1.000 4.64033  ? 10  LEU A CD1  1 
ATOM   144 C  CD2  . LEU A 1 10 ? -5.03508  6.08533   6.28874   1.000 5.33187  ? 10  LEU A CD2  1 
ATOM   145 H  H    . LEU A 1 10 ? -4.70369  3.40990   3.07378   1.000 4.12284  ? 10  LEU A H    1 
ATOM   146 H  HA   . LEU A 1 10 ? -4.67598  5.99753   3.50181   1.000 4.42401  ? 10  LEU A HA   1 
ATOM   147 H  HB2  . LEU A 1 10 ? -3.13683  3.90639   4.62385   1.000 4.53450  ? 10  LEU A HB2  1 
ATOM   148 H  HB3  . LEU A 1 10 ? -2.84193  5.41609   5.02291   1.000 4.53450  ? 10  LEU A HB3  1 
ATOM   149 H  HG   . LEU A 1 10 ? -5.34534  4.22419   5.51665   1.000 5.00076  ? 10  LEU A HG   1 
ATOM   150 H  HD11 . LEU A 1 10 ? -4.66830  3.86999   7.72955   1.000 5.56839  ? 10  LEU A HD11 1 
ATOM   151 H  HD12 . LEU A 1 10 ? -3.74560  3.03726   6.74025   1.000 5.56839  ? 10  LEU A HD12 1 
ATOM   152 H  HD13 . LEU A 1 10 ? -3.21380  4.39631   7.36770   1.000 5.56839  ? 10  LEU A HD13 1 
ATOM   153 H  HD21 . LEU A 1 10 ? -5.66054  5.99047   7.02405   1.000 6.39825  ? 10  LEU A HD21 1 
ATOM   154 H  HD22 . LEU A 1 10 ? -4.26550  6.60247   6.57371   1.000 6.39825  ? 10  LEU A HD22 1 
ATOM   155 H  HD23 . LEU A 1 10 ? -5.46895  6.52326   5.53983   1.000 6.39825  ? 10  LEU A HD23 1 
HETATM 156 N  N    . NH2 A 1 11 ? -2.51249  4.97188   1.43274   1.000 4.27241  ? 11  NH2 A N    1 
HETATM 157 H  HN1  . NH2 A 1 11 ? -2.52393  4.10386   1.63044   1.000 5.12690  ? 11  NH2 A HN1  1 
HETATM 158 H  HN2  . NH2 A 1 11 ? -1.65515  5.16879   1.29427   1.000 5.12690  ? 11  NH2 A HN2  1 
HETATM 159 C  C    . ACE B 1 1  ? 2.65568   2.78711   -9.02214  1.000 3.56879  ? 1   ACE B C    1 
HETATM 160 O  O    . ACE B 1 1  ? 2.39380   2.00568   -8.11541  1.000 4.06587  ? 1   ACE B O    1 
HETATM 161 C  CH3  . ACE B 1 1  ? 1.60115   3.58837   -9.76598  1.000 3.78481  ? 1   ACE B CH3  1 
HETATM 162 H  H1   . ACE B 1 1  ? 0.78029   3.08804   -9.89542  1.000 4.54177  ? 1   ACE B H1   1 
HETATM 163 H  H2   . ACE B 1 1  ? 1.35568   4.40106   -9.29675  1.000 4.54177  ? 1   ACE B H2   1 
HETATM 164 H  H3   . ACE B 1 1  ? 1.89830   3.86047   -10.64835 1.000 4.54177  ? 1   ACE B H3   1 
ATOM   165 N  N    . LEU B 1 2  ? 3.98736   2.99057   -9.42190  1.000 3.34499  ? 2   LEU B N    1 
ATOM   166 C  CA   . LEU B 1 2  ? 5.02368   2.10137   -8.94373  1.000 3.59607  ? 2   LEU B CA   1 
ATOM   167 C  C    . LEU B 1 2  ? 5.46488   2.42045   -7.50118  1.000 3.65585  ? 2   LEU B C    1 
ATOM   168 O  O    . LEU B 1 2  ? 5.61107   1.49736   -6.69489  1.000 3.73558  ? 2   LEU B O    1 
ATOM   169 C  CB   . LEU B 1 2  ? 6.18594   2.11903   -9.92808  1.000 4.30358  ? 2   LEU B CB   1 
ATOM   170 C  CG   . LEU B 1 2  ? 5.79913   1.61129   -11.31561 1.000 5.42274  ? 2   LEU B CG   1 
ATOM   171 C  CD1  . LEU B 1 2  ? 6.91024   1.94025   -12.29300 1.000 6.68439  ? 2   LEU B CD1  1 
ATOM   172 C  CD2  . LEU B 1 2  ? 5.50911   0.12720   -11.31452 1.000 6.99725  ? 2   LEU B CD2  1 
ATOM   173 H  H    . LEU B 1 2  ? 4.18276   3.82513   -9.35182  1.000 4.01399  ? 2   LEU B H    1 
ATOM   174 H  HA   . LEU B 1 2  ? 4.68260   1.19445   -8.89811  1.000 4.31528  ? 2   LEU B HA   1 
ATOM   175 H  HB2  . LEU B 1 2  ? 6.50591   3.03009   -10.02025 1.000 5.16430  ? 2   LEU B HB2  1 
ATOM   176 H  HB3  . LEU B 1 2  ? 6.89487   1.55128   -9.58753  1.000 5.16430  ? 2   LEU B HB3  1 
ATOM   177 H  HG   . LEU B 1 2  ? 4.98143   2.05105   -11.59644 1.000 6.50728  ? 2   LEU B HG   1 
ATOM   178 H  HD11 . LEU B 1 2  ? 6.65766   1.62669   -13.17547 1.000 8.02126  ? 2   LEU B HD11 1 
ATOM   179 H  HD12 . LEU B 1 2  ? 7.04281   2.90102   -12.30874 1.000 8.02126  ? 2   LEU B HD12 1 
ATOM   180 H  HD13 . LEU B 1 2  ? 7.72466   1.49864   -12.00560 1.000 8.02126  ? 2   LEU B HD13 1 
ATOM   181 H  HD21 . LEU B 1 2  ? 5.27762   -0.15000  -12.21480 1.000 8.39670  ? 2   LEU B HD21 1 
ATOM   182 H  HD22 . LEU B 1 2  ? 6.29934   -0.34879  -11.01476 1.000 8.39670  ? 2   LEU B HD22 1 
ATOM   183 H  HD23 . LEU B 1 2  ? 4.76865   -0.04943  -10.71334 1.000 8.39670  ? 2   LEU B HD23 1 
HETATM 184 N  N    A AIB B 1 3  ? 5.74972   3.68932   -7.19924  0.839 3.55332  ? 3   AIB B N    1 
HETATM 185 N  N    B AIB B 1 3  ? 5.59476   3.70725   -7.17009  0.161 4.23808  ? 3   AIB B N    1 
HETATM 186 C  CA   A AIB B 1 3  ? 6.15974   4.05993   -5.84641  0.839 3.85889  ? 3   AIB B CA   1 
HETATM 187 C  CA   B AIB B 1 3  ? 5.86908   4.15106   -5.79473  0.161 4.76565  ? 3   AIB B CA   1 
HETATM 188 C  C    A AIB B 1 3  ? 5.12546   3.49634   -4.86120  0.839 3.60948  ? 3   AIB B C    1 
HETATM 189 C  C    B AIB B 1 3  ? 4.83049   3.61074   -4.82258  0.161 4.78173  ? 3   AIB B C    1 
HETATM 190 O  O    A AIB B 1 3  ? 5.44514   2.84751   -3.87257  0.839 3.57677  ? 3   AIB B O    1 
HETATM 191 O  O    B AIB B 1 3  ? 5.15623   3.08477   -3.75936  0.161 4.35162  ? 3   AIB B O    1 
HETATM 192 C  CB1  A AIB B 1 3  ? 7.56372   3.52905   -5.52068  0.839 4.01228  ? 3   AIB B CB1  1 
HETATM 193 C  CB1  B AIB B 1 3  ? 7.25754   3.74382   -5.26382  0.161 4.98982  ? 3   AIB B CB1  1 
HETATM 194 C  CB2  A AIB B 1 3  ? 6.16797   5.58309   -5.74894  0.839 4.42710  ? 3   AIB B CB2  1 
HETATM 195 C  CB2  B AIB B 1 3  ? 5.78198   5.67924   -5.74260  0.161 4.99795  ? 3   AIB B CB2  1 
HETATM 196 H  H    A AIB B 1 3  ? 5.71303   4.34487   -7.75467  0.839 4.26399  ? 3   AIB B H    1 
HETATM 197 H  H    B AIB B 1 3  ? 5.52781   4.35583   -7.73086  0.161 5.08569  ? 3   AIB B H    1 
HETATM 198 H  HB11 A AIB B 1 3  ? 7.83154   3.74875   -4.61466  0.839 4.81474  ? 3   AIB B HB11 1 
HETATM 199 H  HB11 B AIB B 1 3  ? 7.40686   4.06421   -4.36052  0.161 5.98778  ? 3   AIB B HB11 1 
HETATM 200 H  HB12 A AIB B 1 3  ? 7.61325   2.56397   -5.60477  0.839 4.81474  ? 3   AIB B HB12 1 
HETATM 201 H  HB12 B AIB B 1 3  ? 7.36844   2.78037   -5.24481  0.161 5.98778  ? 3   AIB B HB12 1 
HETATM 202 H  HB13 A AIB B 1 3  ? 8.23637   3.90007   -6.11296  0.839 4.81474  ? 3   AIB B HB13 1 
HETATM 203 H  HB13 B AIB B 1 3  ? 7.97298   4.10071   -5.81306  0.161 5.98778  ? 3   AIB B HB13 1 
HETATM 204 H  HB21 A AIB B 1 3  ? 6.41583   5.88254   -4.86024  0.839 5.31252  ? 3   AIB B HB21 1 
HETATM 205 H  HB21 B AIB B 1 3  ? 6.31226   6.04239   -5.01608  0.161 5.99754  ? 3   AIB B HB21 1 
HETATM 206 H  HB22 A AIB B 1 3  ? 6.79842   5.97721   -6.37192  0.839 5.31252  ? 3   AIB B HB22 1 
HETATM 207 H  HB22 B AIB B 1 3  ? 6.10348   6.08329   -6.56374  0.161 5.99754  ? 3   AIB B HB22 1 
HETATM 208 H  HB23 A AIB B 1 3  ? 5.29542   5.95809   -5.94628  0.839 5.31252  ? 3   AIB B HB23 1 
HETATM 209 H  HB23 B AIB B 1 3  ? 4.86930   5.98046   -5.61151  0.161 5.99754  ? 3   AIB B HB23 1 
ATOM   210 N  N    A GLU B 1 4  ? 3.87039   3.77205   -5.15002  0.702 3.52340  ? 4   GLU B N    1 
ATOM   211 N  N    B GLU B 1 4  ? 3.57071   3.77359   -5.19984  0.298 5.12907  ? 4   GLU B N    1 
ATOM   212 C  CA   A GLU B 1 4  ? 2.81041   3.43951   -4.21818  0.702 4.30453  ? 4   GLU B CA   1 
ATOM   213 C  CA   B GLU B 1 4  ? 2.45243   3.38605   -4.36246  0.298 5.57368  ? 4   GLU B CA   1 
ATOM   214 C  C    A GLU B 1 4  ? 2.60069   1.91226   -4.11019  0.702 3.70732  ? 4   GLU B C    1 
ATOM   215 C  C    B GLU B 1 4  ? 2.51761   1.89353   -4.12674  0.298 4.69462  ? 4   GLU B C    1 
ATOM   216 O  O    A GLU B 1 4  ? 2.35287   1.41946   -3.00320  0.702 4.03054  ? 4   GLU B O    1 
ATOM   217 O  O    B GLU B 1 4  ? 2.35449   1.41149   -3.00148  0.298 4.97677  ? 4   GLU B O    1 
ATOM   218 C  CB   A GLU B 1 4  ? 1.54127   4.26690   -4.53115  0.702 4.57352  ? 4   GLU B CB   1 
ATOM   219 C  CB   B GLU B 1 4  ? 1.13681   3.74551   -5.04739  0.298 6.27740  ? 4   GLU B CB   1 
ATOM   220 C  CG   A GLU B 1 4  ? 1.07347   4.35512   -6.01612  0.702 4.44937  ? 4   GLU B CG   1 
ATOM   221 C  CG   B GLU B 1 4  ? 0.92428   5.24337   -5.28947  0.298 7.44745  ? 4   GLU B CG   1 
ATOM   222 C  CD   A GLU B 1 4  ? 1.66087   5.53155   -6.81763  0.702 4.37634  ? 4   GLU B CD   1 
ATOM   223 C  CD   B GLU B 1 4  ? 1.45405   5.73044   -6.64095  0.298 8.28110  ? 4   GLU B CD   1 
ATOM   224 O  OE1  A GLU B 1 4  ? 2.85171   5.82913   -6.63600  0.702 5.27967  ? 4   GLU B OE1  1 
ATOM   225 O  OE1  B GLU B 1 4  ? 2.68480   5.83832   -6.80095  0.298 8.60775  ? 4   GLU B OE1  1 
ATOM   226 O  OE2  A GLU B 1 4  ? 0.95241   6.12395   -7.66547  0.702 5.18848  ? 4   GLU B OE2  1 
ATOM   227 O  OE2  B GLU B 1 4  ? 0.63959   6.02000   -7.54524  0.298 8.84645  ? 4   GLU B OE2  1 
ATOM   228 H  H    A GLU B 1 4  ? 3.60572   4.14992   -5.87581  0.839 4.22808  ? 4   GLU B H    1 
ATOM   229 H  H    B GLU B 1 4  ? 3.33428   4.11404   -5.95335  0.161 6.15489  ? 4   GLU B H    1 
ATOM   230 H  HA   A GLU B 1 4  ? 3.05075   3.69748   -3.31452  0.702 5.16543  ? 4   GLU B HA   1 
ATOM   231 H  HA   B GLU B 1 4  ? 2.48166   3.85258   -3.51251  0.298 6.68842  ? 4   GLU B HA   1 
ATOM   232 H  HB2  A GLU B 1 4  ? 0.80582   3.88033   -4.03057  0.702 5.48823  ? 4   GLU B HB2  1 
ATOM   233 H  HB2  B GLU B 1 4  ? 1.10901   3.30405   -5.91067  0.298 7.53288  ? 4   GLU B HB2  1 
ATOM   234 H  HB3  A GLU B 1 4  ? 1.70163   5.17680   -4.23574  0.702 5.48823  ? 4   GLU B HB3  1 
ATOM   235 H  HB3  B GLU B 1 4  ? 0.40560   3.43358   -4.49157  0.298 7.53288  ? 4   GLU B HB3  1 
ATOM   236 H  HG2  A GLU B 1 4  ? 1.33321   3.53754   -6.46888  0.702 5.33924  ? 4   GLU B HG2  1 
ATOM   237 H  HG2  B GLU B 1 4  ? -0.02653  5.43290   -5.25876  0.298 8.93694  ? 4   GLU B HG2  1 
ATOM   238 H  HG3  A GLU B 1 4  ? 0.10812   4.44908   -6.02879  0.702 5.33924  ? 4   GLU B HG3  1 
ATOM   239 H  HG3  B GLU B 1 4  ? 1.38422   5.74035   -4.59495  0.298 8.93694  ? 4   GLU B HG3  1 
HETATM 240 N  N    . AIB B 1 5  ? 2.74488   1.16340   -5.21298  1.000 3.72664  ? 5   AIB B N    1 
HETATM 241 C  CA   . AIB B 1 5  ? 2.75618   -0.30175  -5.15533  1.000 3.72308  ? 5   AIB B CA   1 
HETATM 242 C  C    . AIB B 1 5  ? 3.84171   -0.77474  -4.16889  1.000 3.57326  ? 5   AIB B C    1 
HETATM 243 O  O    . AIB B 1 5  ? 3.62848   -1.69036  -3.37626  1.000 3.83231  ? 5   AIB B O    1 
HETATM 244 C  CB1  . AIB B 1 5  ? 1.36531   -0.83474  -4.74607  1.000 4.49269  ? 5   AIB B CB1  1 
HETATM 245 C  CB2  . AIB B 1 5  ? 3.12578   -0.81062  -6.54031  1.000 3.95864  ? 5   AIB B CB2  1 
HETATM 246 H  H    . AIB B 1 5  ? 2.83786   1.48237   -6.00620  1.000 4.47197  ? 5   AIB B H    1 
HETATM 247 H  HB11 . AIB B 1 5  ? 1.14593   -0.60483  -3.82961  1.000 5.39123  ? 5   AIB B HB11 1 
HETATM 248 H  HB12 . AIB B 1 5  ? 0.66080   -0.47223  -5.30568  1.000 5.39123  ? 5   AIB B HB12 1 
HETATM 249 H  HB13 . AIB B 1 5  ? 1.31402   -1.80086  -4.81600  1.000 5.39123  ? 5   AIB B HB13 1 
HETATM 250 H  HB21 . AIB B 1 5  ? 2.45347   -0.57456  -7.19847  1.000 4.75037  ? 5   AIB B HB21 1 
HETATM 251 H  HB22 . AIB B 1 5  ? 3.96886   -0.43912  -6.84382  1.000 4.75037  ? 5   AIB B HB22 1 
HETATM 252 H  HB23 . AIB B 1 5  ? 3.21522   -1.77640  -6.55361  1.000 4.75037  ? 5   AIB B HB23 1 
ATOM   253 N  N    . LEU B 1 6  ? 5.02036   -0.15308  -4.25967  1.000 3.21906  ? 6   LEU B N    1 
ATOM   254 C  CA   . LEU B 1 6  ? 6.12800   -0.53543  -3.38456  1.000 3.33061  ? 6   LEU B CA   1 
ATOM   255 C  C    . LEU B 1 6  ? 5.81198   -0.20443  -1.92545  1.000 3.18981  ? 6   LEU B C    1 
ATOM   256 O  O    . LEU B 1 6  ? 6.16225   -0.97555  -1.02891  1.000 3.61319  ? 6   LEU B O    1 
ATOM   257 C  CB   . LEU B 1 6  ? 7.42306   0.13654   -3.84535  1.000 3.82182  ? 6   LEU B CB   1 
ATOM   258 C  CG   . LEU B 1 6  ? 8.69081   -0.27775  -3.10835  1.000 4.78803  ? 6   LEU B CG   1 
ATOM   259 C  CD1  . LEU B 1 6  ? 9.01077   -1.75926  -3.29399  1.000 5.95844  ? 6   LEU B CD1  1 
ATOM   260 C  CD2  . LEU B 1 6  ? 9.85872   0.58013   -3.54806  1.000 6.12993  ? 6   LEU B CD2  1 
ATOM   261 H  H    . LEU B 1 6  ? 5.19923   0.48225   -4.81100  1.000 3.86287  ? 6   LEU B H    1 
ATOM   262 H  HA   . LEU B 1 6  ? 6.26863   -1.49393  -3.43370  1.000 3.99673  ? 6   LEU B HA   1 
ATOM   263 H  HB2  . LEU B 1 6  ? 7.55497   -0.07274  -4.78327  1.000 4.58618  ? 6   LEU B HB2  1 
ATOM   264 H  HB3  . LEU B 1 6  ? 7.32408   1.09455   -3.72992  1.000 4.58618  ? 6   LEU B HB3  1 
ATOM   265 H  HG   . LEU B 1 6  ? 8.54295   -0.14174  -2.15938  1.000 5.74563  ? 6   LEU B HG   1 
ATOM   266 H  HD11 . LEU B 1 6  ? 9.81322   -1.97420  -2.79322  1.000 7.15013  ? 6   LEU B HD11 1 
ATOM   267 H  HD12 . LEU B 1 6  ? 8.26541   -2.28674  -2.96674  1.000 7.15013  ? 6   LEU B HD12 1 
ATOM   268 H  HD13 . LEU B 1 6  ? 9.15222   -1.93602  -4.23720  1.000 7.15013  ? 6   LEU B HD13 1 
ATOM   269 H  HD21 . LEU B 1 6  ? 10.65972  0.28234   -3.08914  1.000 7.35591  ? 6   LEU B HD21 1 
ATOM   270 H  HD22 . LEU B 1 6  ? 9.97379   0.48945   -4.50693  1.000 7.35591  ? 6   LEU B HD22 1 
ATOM   271 H  HD23 . LEU B 1 6  ? 9.67327   1.50530   -3.32319  1.000 7.35591  ? 6   LEU B HD23 1 
ATOM   272 N  N    . HIS B 1 7  ? 5.15994   0.93956   -1.67960  1.000 3.02710  ? 7   HIS B N    1 
ATOM   273 C  CA   . HIS B 1 7  ? 4.74874   1.22901   -0.31443  1.000 3.29050  ? 7   HIS B CA   1 
ATOM   274 C  C    . HIS B 1 7  ? 3.90311   0.08908   0.25088   1.000 3.67436  ? 7   HIS B C    1 
ATOM   275 O  O    . HIS B 1 7  ? 4.10576   -0.35181  1.38650   1.000 4.51489  ? 7   HIS B O    1 
ATOM   276 C  CB   . HIS B 1 7  ? 3.92485   2.50801   -0.25762  1.000 3.60657  ? 7   HIS B CB   1 
ATOM   277 C  CG   . HIS B 1 7  ? 4.71349   3.75586   -0.48760  1.000 3.38457  ? 7   HIS B CG   1 
ATOM   278 N  ND1  . HIS B 1 7  ? 4.25491   4.97991   -0.06725  1.000 4.22222  ? 7   HIS B ND1  1 
ATOM   279 C  CD2  . HIS B 1 7  ? 5.91986   3.96356   -1.06848  1.000 3.65483  ? 7   HIS B CD2  1 
ATOM   280 C  CE1  . HIS B 1 7  ? 5.15313   5.89666   -0.38312  1.000 4.70300  ? 7   HIS B CE1  1 
ATOM   281 N  NE2  . HIS B 1 7  ? 6.16609   5.31355   -1.00525  1.000 4.15286  ? 7   HIS B NE2  1 
ATOM   282 H  H    . HIS B 1 7  ? 4.95523   1.53528   -2.26510  1.000 3.63252  ? 7   HIS B H    1 
ATOM   283 H  HA   . HIS B 1 7  ? 5.55051   1.34673   0.21867   1.000 3.94860  ? 7   HIS B HA   1 
ATOM   284 H  HB2  . HIS B 1 7  ? 3.23736   2.46459   -0.94054  1.000 4.32788  ? 7   HIS B HB2  1 
ATOM   285 H  HB3  . HIS B 1 7  ? 3.51701   2.57542   0.61989   1.000 4.32788  ? 7   HIS B HB3  1 
ATOM   286 H  HD2  . HIS B 1 7  ? 6.47502   3.31602   -1.43913  1.000 4.38579  ? 7   HIS B HD2  1 
ATOM   287 H  HE1  . HIS B 1 7  ? 5.08464   6.80548   -0.19807  1.000 5.64360  ? 7   HIS B HE1  1 
ATOM   288 H  HE2  . HIS B 1 7  ? 6.86106   5.71270   -1.31718  1.000 4.98343  ? 7   HIS B HE2  1 
ATOM   289 N  N    A TYR B 1 8  ? 2.94187   -0.38334  -0.52921  0.801 3.36247  ? 8   TYR B N    1 
ATOM   290 N  N    B TYR B 1 8  ? 2.96353   -0.41371  -0.53580  0.199 4.10901  ? 8   TYR B N    1 
ATOM   291 C  CA   A TYR B 1 8  ? 2.07964   -1.46198  -0.07795  0.801 3.65961  ? 8   TYR B CA   1 
ATOM   292 C  CA   B TYR B 1 8  ? 2.08259   -1.48325  -0.08002  0.199 4.64756  ? 8   TYR B CA   1 
ATOM   293 C  C    A TYR B 1 8  ? 2.88678   -2.75472  0.12198   0.801 3.63146  ? 8   TYR B C    1 
ATOM   294 C  C    B TYR B 1 8  ? 2.84100   -2.79655  0.09214   0.199 4.23379  ? 8   TYR B C    1 
ATOM   295 O  O    A TYR B 1 8  ? 2.80400   -3.39295  1.17374   0.801 3.81341  ? 8   TYR B O    1 
ATOM   296 O  O    B TYR B 1 8  ? 2.65034   -3.51272  1.07492   0.199 4.40298  ? 8   TYR B O    1 
ATOM   297 C  CB   A TYR B 1 8  ? 0.93455   -1.66232  -1.07830  0.801 4.04777  ? 8   TYR B CB   1 
ATOM   298 C  CB   B TYR B 1 8  ? 0.93926   -1.66339  -1.07778  0.199 5.61415  ? 8   TYR B CB   1 
ATOM   299 C  CG   A TYR B 1 8  ? 0.00304   -2.76645  -0.64681  0.801 3.92268  ? 8   TYR B CG   1 
ATOM   300 C  CG   B TYR B 1 8  ? -0.13511  -2.62820  -0.63297  0.199 6.47751  ? 8   TYR B CG   1 
ATOM   301 C  CD1  A TYR B 1 8  ? -1.03849  -2.51412  0.23656   0.801 3.88675  ? 8   TYR B CD1  1 
ATOM   302 C  CD1  B TYR B 1 8  ? -0.91590  -2.36355  0.48421   0.199 6.87849  ? 8   TYR B CD1  1 
ATOM   303 C  CD2  A TYR B 1 8  ? 0.19394   -4.07568  -1.08778  0.801 4.24205  ? 8   TYR B CD2  1 
ATOM   304 C  CD2  B TYR B 1 8  ? -0.38062  -3.79646  -1.33994  0.199 6.95077  ? 8   TYR B CD2  1 
ATOM   305 C  CE1  A TYR B 1 8  ? -1.88165  -3.53828  0.65082   0.801 4.31451  ? 8   TYR B CE1  1 
ATOM   306 C  CE1  B TYR B 1 8  ? -1.90722  -3.24023  0.88824   0.199 7.43675  ? 8   TYR B CE1  1 
ATOM   307 C  CE2  A TYR B 1 8  ? -0.63052  -5.10475  -0.67488  0.801 4.40007  ? 8   TYR B CE2  1 
ATOM   308 C  CE2  B TYR B 1 8  ? -1.37284  -4.67869  -0.94656  0.199 7.41221  ? 8   TYR B CE2  1 
ATOM   309 C  CZ   A TYR B 1 8  ? -1.66471  -4.83709  0.19970   0.801 4.67818  ? 8   TYR B CZ   1 
ATOM   310 C  CZ   B TYR B 1 8  ? -2.13310  -4.39562  0.16598   0.199 7.95936  ? 8   TYR B CZ   1 
ATOM   311 O  OH   A TYR B 1 8  ? -2.49173  -5.83661  0.63079   0.801 5.91481  ? 8   TYR B OH   1 
ATOM   312 O  OH   B TYR B 1 8  ? -3.11440  -5.27902  0.55194   0.199 9.21481  ? 8   TYR B OH   1 
ATOM   313 H  H    A TYR B 1 8  ? 2.76989   -0.09647  -1.32150  0.801 4.03496  ? 8   TYR B H    1 
ATOM   314 H  H    B TYR B 1 8  ? 2.81349   -0.15314  -1.34152  0.199 4.93081  ? 8   TYR B H    1 
ATOM   315 H  HA   A TYR B 1 8  ? 1.68304   -1.23929  0.77880   0.801 4.39154  ? 8   TYR B HA   1 
ATOM   316 H  HA   B TYR B 1 8  ? 1.71111   -1.24744  0.78444   0.199 5.57707  ? 8   TYR B HA   1 
ATOM   317 H  HB2  A TYR B 1 8  ? 0.42264   -0.84125  -1.14681  0.801 4.85732  ? 8   TYR B HB2  1 
ATOM   318 H  HB2  B TYR B 1 8  ? 0.51744   -0.80207  -1.22300  0.199 6.73698  ? 8   TYR B HB2  1 
ATOM   319 H  HB3  A TYR B 1 8  ? 1.30383   -1.89628  -1.94420  0.801 4.85732  ? 8   TYR B HB3  1 
ATOM   320 H  HB3  B TYR B 1 8  ? 1.30631   -1.99774  -1.91108  0.199 6.73698  ? 8   TYR B HB3  1 
ATOM   321 H  HD1  A TYR B 1 8  ? -1.17316  -1.65052  0.55430   0.801 4.66410  ? 8   TYR B HD1  1 
ATOM   322 H  HD1  B TYR B 1 8  ? -0.77009  -1.58360  0.96931   0.199 8.25418  ? 8   TYR B HD1  1 
ATOM   323 H  HD2  A TYR B 1 8  ? 0.89242   -4.26042  -1.67337  0.801 5.09046  ? 8   TYR B HD2  1 
ATOM   324 H  HD2  B TYR B 1 8  ? 0.13073   -3.99069  -2.09207  0.199 8.34093  ? 8   TYR B HD2  1 
ATOM   325 H  HE1  A TYR B 1 8  ? -2.58833  -3.35648  1.22741   0.801 5.17741  ? 8   TYR B HE1  1 
ATOM   326 H  HE1  B TYR B 1 8  ? -2.41861  -3.05251  1.64199   0.199 8.92410  ? 8   TYR B HE1  1 
ATOM   327 H  HE2  A TYR B 1 8  ? -0.48994  -5.97067  -0.98361  0.801 5.28008  ? 8   TYR B HE2  1 
ATOM   328 H  HE2  B TYR B 1 8  ? -1.52482  -5.45786  -1.43100  0.199 8.89465  ? 8   TYR B HE2  1 
ATOM   329 H  HH   A TYR B 1 8  ? -2.04664  -6.53292  0.78127   0.801 7.09777  ? 8   TYR B HH   1 
ATOM   330 H  HH   B TYR B 1 8  ? -3.22512  -5.86282  -0.04179  0.199 11.05777 ? 8   TYR B HH   1 
HETATM 331 N  N    . AIB B 1 9  ? 3.68342   -3.11628  -0.88302  1.000 3.70907  ? 9   AIB B N    1 
HETATM 332 C  CA   . AIB B 1 9  ? 4.50647   -4.32504  -0.82892  1.000 4.00663  ? 9   AIB B CA   1 
HETATM 333 C  C    . AIB B 1 9  ? 5.34975   -4.35786  0.45189   1.000 3.72343  ? 9   AIB B C    1 
HETATM 334 O  O    . AIB B 1 9  ? 5.52211   -5.40942  1.06684   1.000 4.13410  ? 9   AIB B O    1 
HETATM 335 C  CB1  . AIB B 1 9  ? 3.63795   -5.60018  -0.89662  1.000 4.66680  ? 9   AIB B CB1  1 
HETATM 336 C  CB2  . AIB B 1 9  ? 5.47337   -4.28089  -2.02282  1.000 4.50155  ? 9   AIB B CB2  1 
HETATM 337 H  H    . AIB B 1 9  ? 3.76648   -2.67384  -1.61578  1.000 4.45088  ? 9   AIB B H    1 
HETATM 338 H  HB11 . AIB B 1 9  ? 2.98676   -5.63199  -0.17841  1.000 5.60017  ? 9   AIB B HB11 1 
HETATM 339 H  HB12 . AIB B 1 9  ? 3.14420   -5.65686  -1.72963  1.000 5.60017  ? 9   AIB B HB12 1 
HETATM 340 H  HB13 . AIB B 1 9  ? 4.17378   -6.40594  -0.82932  1.000 5.60017  ? 9   AIB B HB13 1 
HETATM 341 H  HB21 . AIB B 1 9  ? 4.99769   -4.29518  -2.86806  1.000 5.40186  ? 9   AIB B HB21 1 
HETATM 342 H  HB22 . AIB B 1 9  ? 6.01737   -3.47787  -2.01204  1.000 5.40186  ? 9   AIB B HB22 1 
HETATM 343 H  HB23 . AIB B 1 9  ? 6.07866   -5.03886  -2.02013  1.000 5.40186  ? 9   AIB B HB23 1 
ATOM   344 N  N    . LEU B 1 10 ? 5.91409   -3.20957  0.81907   1.000 3.95416  ? 10  LEU B N    1 
ATOM   345 C  CA   . LEU B 1 10 ? 6.85913   -3.17460  1.93068   1.000 4.42635  ? 10  LEU B CA   1 
ATOM   346 C  C    . LEU B 1 10 ? 6.20963   -3.39067  3.27118   1.000 5.11589  ? 10  LEU B C    1 
ATOM   347 O  O    . LEU B 1 10 ? 6.86824   -3.73332  4.22776   1.000 5.76443  ? 10  LEU B O    1 
ATOM   348 C  CB   . LEU B 1 10 ? 7.61519   -1.85037  1.94718   1.000 4.22018  ? 10  LEU B CB   1 
ATOM   349 C  CG   . LEU B 1 10 ? 8.70001   -1.72618  0.87770   1.000 5.16506  ? 10  LEU B CG   1 
ATOM   350 C  CD1  . LEU B 1 10 ? 9.12032   -0.27495  0.73602   1.000 5.48417  ? 10  LEU B CD1  1 
ATOM   351 C  CD2  . LEU B 1 10 ? 9.89787   -2.58327  1.21834   1.000 6.71122  ? 10  LEU B CD2  1 
ATOM   352 H  H    . LEU B 1 10 ? 5.76793   -2.44883  0.44555   1.000 4.74499  ? 10  LEU B H    1 
ATOM   353 H  HA   . LEU B 1 10 ? 7.48477   -3.90367  1.79674   1.000 5.31162  ? 10  LEU B HA   1 
ATOM   354 H  HB2  . LEU B 1 10 ? 6.97999   -1.13102  1.80595   1.000 5.06421  ? 10  LEU B HB2  1 
ATOM   355 H  HB3  . LEU B 1 10 ? 8.04280   -1.75035  2.81208   1.000 5.06421  ? 10  LEU B HB3  1 
ATOM   356 H  HG   . LEU B 1 10 ? 8.34412   -2.03659  0.03041   1.000 6.19807  ? 10  LEU B HG   1 
ATOM   357 H  HD11 . LEU B 1 10 ? 9.78226   -0.20532  0.03041   1.000 6.58101  ? 10  LEU B HD11 1 
ATOM   358 H  HD12 . LEU B 1 10 ? 8.34179   0.25900   0.51309   1.000 6.58101  ? 10  LEU B HD12 1 
ATOM   359 H  HD13 . LEU B 1 10 ? 9.49931   0.02752   1.57613   1.000 6.58101  ? 10  LEU B HD13 1 
ATOM   360 H  HD21 . LEU B 1 10 ? 10.58808  -2.44052  0.55191   1.000 8.05347  ? 10  LEU B HD21 1 
ATOM   361 H  HD22 . LEU B 1 10 ? 10.22745  -2.33121  2.09512   1.000 8.05347  ? 10  LEU B HD22 1 
ATOM   362 H  HD23 . LEU B 1 10 ? 9.62875   -3.51519  1.22146   1.000 8.05347  ? 10  LEU B HD23 1 
HETATM 363 N  N    . NH2 B 1 11 ? 4.82274   -3.15121  3.42282   1.000 5.31717  ? 11  NH2 B N    1 
HETATM 364 H  HN1  . NH2 B 1 11 ? 4.48131   -2.56899  2.84277   1.000 6.38060  ? 11  NH2 B HN1  1 
HETATM 365 H  HN2  . NH2 B 1 11 ? 4.34026   -3.89251  3.33157   1.000 6.38060  ? 11  NH2 B HN2  1 
HETATM 366 C  C    . MOH C 2 .  ? -5.00883  -8.76936  4.88668   1.000 8.38447  ? 101 MOH A C    1 
HETATM 367 O  O    . MOH C 2 .  ? -5.40457  -7.97778  5.98751   1.000 6.83866  ? 101 MOH A O    1 
HETATM 368 H  H1   . MOH C 2 .  ? -4.50451  -9.52425  5.23039   1.000 10.06137 ? 101 MOH A H1   1 
HETATM 369 H  H2   . MOH C 2 .  ? -4.43353  -8.29590  4.26659   1.000 10.06137 ? 101 MOH A H2   1 
HETATM 370 H  H3   . MOH C 2 .  ? -5.75731  -9.12559  4.38047   1.000 10.06137 ? 101 MOH A H3   1 
HETATM 371 H  HO   . MOH C 2 .  ? -5.89458  -7.34941  5.69112   1.000 8.20639  ? 101 MOH A HO   1 
HETATM 372 CO CO   . CO  D 3 .  ? 0.24315   -3.47815  4.89180   1.000 6.46767  ? 102 CO  A CO   1 
HETATM 373 O  O    A HOH E 4 .  ? -0.44196  -3.13026  6.82918   0.624 5.79516  ? 201 HOH A O    1 
HETATM 374 O  O    B HOH E 4 .  ? 0.21334   -2.24086  7.68778   0.376 9.20194  ? 201 HOH A O    1 
HETATM 375 O  O    . HOH E 4 .  ? -2.40399  -1.91559  8.23337   1.000 30.08546 ? 202 HOH A O    1 
HETATM 376 O  O    . HOH E 4 .  ? -0.16182  1.91291   0.56397   1.000 20.70077 ? 203 HOH A O    1 
HETATM 377 O  O    . HOH E 4 .  ? -2.37465  4.15914   -4.53020  1.000 17.44614 ? 204 HOH A O    1 
HETATM 378 O  O    . HOH E 4 .  ? -7.06587  -11.31691 3.93715   1.000 21.63598 ? 205 HOH A O    1 
HETATM 379 O  O    . HOH F 4 .  ? 0.73103   -3.94621  2.82680   1.000 6.16438  ? 101 HOH B O    1 
HETATM 380 O  O    . HOH F 4 .  ? 4.02020   1.20510   3.55524   1.000 7.68263  ? 102 HOH B O    1 
# 
loop_
_atom_site_anisotrop.id 
_atom_site_anisotrop.type_symbol 
_atom_site_anisotrop.pdbx_label_atom_id 
_atom_site_anisotrop.pdbx_label_alt_id 
_atom_site_anisotrop.pdbx_label_comp_id 
_atom_site_anisotrop.pdbx_label_asym_id 
_atom_site_anisotrop.pdbx_label_seq_id 
_atom_site_anisotrop.pdbx_PDB_ins_code 
_atom_site_anisotrop.U[1][1] 
_atom_site_anisotrop.U[2][2] 
_atom_site_anisotrop.U[3][3] 
_atom_site_anisotrop.U[1][2] 
_atom_site_anisotrop.U[1][3] 
_atom_site_anisotrop.U[2][3] 
_atom_site_anisotrop.pdbx_auth_seq_id 
_atom_site_anisotrop.pdbx_auth_comp_id 
_atom_site_anisotrop.pdbx_auth_asym_id 
_atom_site_anisotrop.pdbx_auth_atom_id 
1   C  C   . ACE A 1  ? 0.06510 0.03983 0.05780 -0.00954 0.00887  0.00072  1   ACE A C   
2   O  O   . ACE A 1  ? 0.11338 0.04263 0.06935 -0.00709 0.03211  0.00411  1   ACE A O   
7   N  N   . LEU A 2  ? 0.04789 0.03384 0.05215 -0.01420 0.00049  -0.00213 2   LEU A N   
8   C  CA  . LEU A 2  ? 0.04017 0.03370 0.05853 -0.01155 0.00382  0.00065  2   LEU A CA  
9   C  C   . LEU A 2  ? 0.04376 0.03521 0.04587 -0.01202 0.00153  0.00149  2   LEU A C   
10  O  O   . LEU A 2  ? 0.04981 0.03286 0.05181 -0.01082 0.00328  0.00592  2   LEU A O   
11  C  CB  . LEU A 2  ? 0.04295 0.03895 0.06574 -0.01106 0.00612  -0.00506 2   LEU A CB  
12  C  CG  . LEU A 2  ? 0.05229 0.05002 0.07779 -0.00626 0.00946  -0.01008 2   LEU A CG  
13  C  CD1 . LEU A 2  ? 0.07432 0.05313 0.08066 0.00612  0.01796  -0.00767 2   LEU A CD1 
14  C  CD2 . LEU A 2  ? 0.06023 0.05515 0.08407 -0.01612 0.01288  -0.02155 2   LEU A CD2 
26  N  N   . AIB A 3  ? 0.04639 0.03449 0.04725 -0.01081 -0.00170 0.00295  3   AIB A N   
27  C  CA  . AIB A 3  ? 0.04801 0.04197 0.04728 -0.01266 -0.00244 0.00212  3   AIB A CA  
28  C  C   . AIB A 3  ? 0.04117 0.04558 0.05699 -0.01188 0.00100  0.00057  3   AIB A C   
29  O  O   . AIB A 3  ? 0.04840 0.04369 0.07028 -0.01332 0.00994  0.00321  3   AIB A O   
30  C  CB1 . AIB A 3  ? 0.05360 0.04644 0.05601 -0.01796 0.00113  -0.00434 3   AIB A CB1 
31  C  CB2 . AIB A 3  ? 0.04915 0.04452 0.05145 -0.01192 -0.00905 -0.00103 3   AIB A CB2 
39  N  N   . GLU A 4  ? 0.04404 0.04465 0.05611 -0.00651 0.00373  0.00245  4   GLU A N   
40  C  CA  . GLU A 4  ? 0.04214 0.05255 0.05911 -0.00355 0.00248  0.00471  4   GLU A CA  
41  C  C   . GLU A 4  ? 0.05089 0.04140 0.05320 -0.00965 0.00893  0.00244  4   GLU A C   
42  O  O   . GLU A 4  ? 0.05117 0.04578 0.05481 -0.01141 0.00546  0.00388  4   GLU A O   
43  C  CB  . GLU A 4  ? 0.06424 0.06286 0.06612 0.00896  0.00773  0.00836  4   GLU A CB  
44  C  CG  . GLU A 4  ? 0.06353 0.06644 0.07986 0.01080  0.01184  0.01415  4   GLU A CG  
45  C  CD  . GLU A 4  ? 0.07244 0.06543 0.09078 0.01414  0.01208  0.01881  4   GLU A CD  
46  O  OE1 . GLU A 4  ? 0.06626 0.05960 0.09636 0.00441  0.01270  0.01324  4   GLU A OE1 
47  O  OE2 . GLU A 4  ? 0.07794 0.07199 0.10895 0.01048  0.01187  0.02133  4   GLU A OE2 
54  N  N   . AIB A 5  ? 0.04652 0.03809 0.05029 -0.01259 0.00467  0.00434  5   AIB A N   
55  C  CA  . AIB A 5  ? 0.05473 0.04371 0.04702 -0.01160 -0.00004 0.00497  5   AIB A CA  
56  C  C   . AIB A 5  ? 0.04846 0.03963 0.04729 -0.00897 0.00229  0.00643  5   AIB A C   
57  O  O   . AIB A 5  ? 0.05363 0.03923 0.05355 -0.01101 -0.00084 0.00846  5   AIB A O   
58  C  CB1 . AIB A 5  ? 0.06558 0.05114 0.04885 -0.01334 0.00442  0.00128  5   AIB A CB1 
59  C  CB2 . AIB A 5  ? 0.05596 0.04940 0.05777 -0.01735 -0.00212 0.00154  5   AIB A CB2 
67  N  N   . LEU A 6  ? 0.05270 0.03365 0.04581 -0.01211 0.00135  0.00215  6   LEU A N   
68  C  CA  . LEU A 6  ? 0.04519 0.03378 0.05295 -0.01594 0.00185  0.00239  6   LEU A CA  
69  C  C   . LEU A 6  ? 0.05007 0.03553 0.05267 -0.01119 0.00135  0.00155  6   LEU A C   
70  O  O   . LEU A 6  ? 0.04747 0.03359 0.05547 -0.01209 0.00588  0.00456  6   LEU A O   
71  C  CB  . LEU A 6  ? 0.05257 0.04779 0.05145 -0.01573 0.00610  -0.00176 6   LEU A CB  
72  C  CG  . LEU A 6  ? 0.05936 0.04715 0.06493 -0.01536 0.00866  -0.00775 6   LEU A CG  
73  C  CD1 . LEU A 6  ? 0.05385 0.05178 0.07919 -0.01431 0.01024  -0.00951 6   LEU A CD1 
74  C  CD2 . LEU A 6  ? 0.07521 0.05757 0.05961 -0.01144 0.01078  -0.00882 6   LEU A CD2 
86  N  N   . HIS A 7  ? 0.04569 0.04131 0.05510 -0.00979 -0.00089 0.00450  7   HIS A N   
87  C  CA  . HIS A 7  ? 0.04324 0.04885 0.05971 -0.00576 -0.00558 0.00137  7   HIS A CA  
88  C  C   . HIS A 7  ? 0.03842 0.05016 0.05257 -0.00932 0.00091  0.00770  7   HIS A C   
89  O  O   . HIS A 7  ? 0.04981 0.05645 0.05858 -0.01484 0.00039  0.00483  7   HIS A O   
90  C  CB  . HIS A 7  ? 0.05534 0.06244 0.06453 0.00407  -0.00238 0.00624  7   HIS A CB  
91  C  CG  . HIS A 7  ? 0.05547 0.06305 0.08566 -0.00282 -0.00592 -0.00319 7   HIS A CG  
92  N  ND1 . HIS A 7  ? 0.05747 0.07225 0.10293 -0.00535 -0.00181 -0.00291 7   HIS A ND1 
93  C  CD2 . HIS A 7  ? 0.05341 0.07131 0.10728 -0.01063 -0.00023 -0.00619 7   HIS A CD2 
94  C  CE1 . HIS A 7  ? 0.05783 0.08606 0.11809 -0.00202 0.00091  -0.00441 7   HIS A CE1 
95  N  NE2 . HIS A 7  ? 0.05451 0.08011 0.11838 -0.01261 0.00039  -0.00697 7   HIS A NE2 
103 N  N   . TYR A 8  ? 0.04377 0.04833 0.05138 -0.00741 0.00850  0.00714  8   TYR A N   
104 C  CA  . TYR A 8  ? 0.04597 0.04475 0.05227 -0.01106 0.00451  0.00323  8   TYR A CA  
105 C  C   . TYR A 8  ? 0.04978 0.03900 0.05083 -0.01259 -0.00127 0.00044  8   TYR A C   
106 O  O   . TYR A 8  ? 0.05098 0.04714 0.05558 -0.01817 0.00562  0.00763  8   TYR A O   
107 C  CB  . TYR A 8  ? 0.05875 0.04613 0.05897 -0.00167 0.00483  0.00104  8   TYR A CB  
108 C  CG  . TYR A 8  ? 0.04834 0.05017 0.06004 0.00490  -0.00491 -0.00496 8   TYR A CG  
109 C  CD1 . TYR A 8  ? 0.06727 0.07681 0.05876 0.02452  -0.00228 -0.00690 8   TYR A CD1 
110 C  CD2 . TYR A 8  ? 0.04637 0.05656 0.06220 0.00270  0.00030  -0.00154 8   TYR A CD2 
111 C  CE1 . TYR A 8  ? 0.07356 0.08929 0.05692 0.02876  0.00486  -0.00112 8   TYR A CE1 
112 C  CE2 . TYR A 8  ? 0.05192 0.06220 0.06801 0.00805  -0.00424 -0.00010 8   TYR A CE2 
113 C  CZ  . TYR A 8  ? 0.06302 0.07861 0.05452 0.01776  -0.00103 0.00214  8   TYR A CZ  
124 N  N   . AIB A 9  ? 0.04716 0.03520 0.05270 -0.01083 -0.00122 0.00473  9   AIB A N   
125 C  CA  . AIB A 9  ? 0.04458 0.03199 0.05805 -0.01252 -0.00828 0.00325  9   AIB A CA  
126 C  C   . AIB A 9  ? 0.03803 0.03563 0.04952 -0.01299 -0.00558 0.00562  9   AIB A C   
127 O  O   . AIB A 9  ? 0.04836 0.03673 0.05789 -0.01489 -0.00897 0.00652  9   AIB A O   
128 C  CB1 . AIB A 9  ? 0.04989 0.04208 0.06394 -0.01353 -0.01316 0.00268  9   AIB A CB1 
129 C  CB2 . AIB A 9  ? 0.04508 0.04078 0.06409 -0.01492 -0.00582 0.00546  9   AIB A CB2 
137 N  N   . LEU A 10 ? 0.04253 0.03363 0.05439 -0.01204 -0.00301 0.00234  10  LEU A N   
138 C  CA  . LEU A 10 ? 0.04334 0.03557 0.06117 -0.01328 -0.00981 -0.00195 10  LEU A CA  
139 C  C   . LEU A 10 ? 0.04647 0.04425 0.05962 -0.01743 -0.00816 0.00309  10  LEU A C   
140 O  O   . LEU A 10 ? 0.05723 0.04515 0.06082 -0.02248 -0.01334 0.00898  10  LEU A O   
141 C  CB  . LEU A 10 ? 0.04474 0.04109 0.05773 -0.01168 -0.01347 -0.00227 10  LEU A CB  
142 C  CG  . LEU A 10 ? 0.04560 0.04946 0.06328 -0.01692 -0.00776 -0.00967 10  LEU A CG  
143 C  CD1 . LEU A 10 ? 0.05615 0.05812 0.06204 -0.01639 -0.00520 -0.01033 10  LEU A CD1 
144 C  CD2 . LEU A 10 ? 0.06692 0.05825 0.07742 -0.00121 -0.00013 -0.01143 10  LEU A CD2 
156 N  N   . NH2 A 11 ? 0.05234 0.05258 0.05743 -0.01558 -0.00004 0.00297  11  NH2 A N   
159 C  C   . ACE B 1  ? 0.04090 0.04487 0.04983 -0.01189 -0.00341 0.00466  1   ACE B C   
160 O  O   . ACE B 1  ? 0.04444 0.05610 0.05393 -0.01453 0.00533  0.01202  1   ACE B O   
165 N  N   . LEU B 2  ? 0.04532 0.04223 0.03955 -0.01154 -0.00237 0.01058  2   LEU B N   
166 C  CA  . LEU B 2  ? 0.05092 0.04555 0.04016 -0.01114 -0.00628 0.00966  2   LEU B CA  
167 C  C   . LEU B 2  ? 0.04690 0.04988 0.04213 -0.01479 -0.00615 0.01100  2   LEU B C   
168 O  O   . LEU B 2  ? 0.05508 0.04473 0.04212 -0.00979 -0.00185 0.00987  2   LEU B O   
169 C  CB  . LEU B 2  ? 0.05225 0.06408 0.04718 -0.00722 -0.00111 -0.00158 2   LEU B CB  
170 C  CG  . LEU B 2  ? 0.06076 0.08345 0.06183 0.00189  -0.00724 -0.01097 2   LEU B CG  
171 C  CD1 . LEU B 2  ? 0.06874 0.12169 0.06356 0.00099  0.01242  -0.01309 2   LEU B CD1 
172 C  CD2 . LEU B 2  ? 0.11308 0.07241 0.08037 0.00392  0.00140  -0.01944 2   LEU B CD2 
184 N  N   A AIB B 3  ? 0.05694 0.03878 0.03929 -0.01668 -0.00577 0.00954  3   AIB B N   
185 N  N   B AIB B 3  ? 0.06660 0.05812 0.03630 -0.00235 -0.00919 0.01473  3   AIB B N   
186 C  CA  A AIB B 3  ? 0.05190 0.04463 0.05008 -0.01814 -0.00383 0.00067  3   AIB B CA  
187 C  CA  B AIB B 3  ? 0.08009 0.06805 0.03293 0.00828  -0.01095 0.01745  3   AIB B CA  
188 C  C   A AIB B 3  ? 0.04744 0.03685 0.05285 -0.01007 -0.00387 -0.00010 3   AIB B C   
189 C  C   B AIB B 3  ? 0.07847 0.06973 0.03348 0.01026  -0.01220 0.01892  3   AIB B C   
190 O  O   A AIB B 3  ? 0.05224 0.03683 0.04683 -0.00757 -0.00391 0.00356  3   AIB B O   
191 O  O   B AIB B 3  ? 0.06966 0.06539 0.03029 0.00514  -0.01239 0.01902  3   AIB B O   
192 C  CB1 A AIB B 3  ? 0.05011 0.05151 0.05083 -0.01812 -0.00208 0.00119  3   AIB B CB1 
193 C  CB1 B AIB B 3  ? 0.08428 0.06871 0.03661 0.00997  -0.00887 0.01704  3   AIB B CB1 
194 C  CB2 A AIB B 3  ? 0.06231 0.04461 0.06129 -0.02049 -0.00457 -0.00332 3   AIB B CB2 
195 C  CB2 B AIB B 3  ? 0.08350 0.07197 0.03444 0.01184  -0.01189 0.01866  3   AIB B CB2 
210 N  N   A GLU B 4  ? 0.04043 0.04361 0.04983 -0.00494 -0.00048 0.00962  4   GLU B N   
211 N  N   B GLU B 4  ? 0.07881 0.07677 0.03929 0.01692  -0.01395 0.01967  4   GLU B N   
212 C  CA  A GLU B 4  ? 0.05035 0.06054 0.05266 0.00456  0.00775  0.01109  4   GLU B CA  
213 C  CA  B GLU B 4  ? 0.08140 0.08167 0.04872 0.02414  -0.01227 0.02025  4   GLU B CA  
214 C  C   A GLU B 4  ? 0.03496 0.05445 0.05144 -0.00740 0.00164  0.00756  4   GLU B C   
215 C  C   B GLU B 4  ? 0.06282 0.07109 0.04447 0.01160  -0.00946 0.01647  4   GLU B C   
216 O  O   A GLU B 4  ? 0.03925 0.06174 0.05214 -0.01358 0.00527  0.00227  4   GLU B O   
217 O  O   B GLU B 4  ? 0.06593 0.08107 0.04210 0.01532  -0.01078 0.01641  4   GLU B O   
218 C  CB  A GLU B 4  ? 0.05162 0.06268 0.05947 0.00480  0.00555  0.00835  4   GLU B CB  
219 C  CB  B GLU B 4  ? 0.09574 0.08665 0.05612 0.02953  -0.01224 0.02104  4   GLU B CB  
220 C  CG  A GLU B 4  ? 0.04464 0.05439 0.07002 -0.00461 0.00426  0.00154  4   GLU B CG  
221 C  CG  B GLU B 4  ? 0.12188 0.09874 0.06235 0.04263  -0.01046 0.02380  4   GLU B CG  
222 C  CD  A GLU B 4  ? 0.03445 0.05434 0.07750 -0.00091 -0.00077 0.00045  4   GLU B CD  
223 C  CD  B GLU B 4  ? 0.13314 0.11259 0.06892 0.04844  -0.01336 0.02489  4   GLU B CD  
224 O  OE1 A GLU B 4  ? 0.05093 0.05744 0.09223 -0.00197 0.00751  0.01061  4   GLU B OE1 
225 O  OE1 B GLU B 4  ? 0.13249 0.12085 0.07372 0.04818  -0.01343 0.03004  4   GLU B OE1 
226 O  OE2 A GLU B 4  ? 0.03724 0.07849 0.08141 0.01102  0.00199  0.00589  4   GLU B OE2 
227 O  OE2 B GLU B 4  ? 0.14392 0.12217 0.07005 0.05346  -0.01413 0.02326  4   GLU B OE2 
240 N  N   . AIB B 5  ? 0.04568 0.05285 0.04308 -0.00854 -0.00166 0.01230  5   AIB B N   
241 C  CA  . AIB B 5  ? 0.04356 0.05475 0.04315 -0.01838 -0.00412 0.01669  5   AIB B CA  
242 C  C   . AIB B 5  ? 0.04751 0.04602 0.04224 -0.01322 -0.00695 0.00930  5   AIB B C   
243 O  O   . AIB B 5  ? 0.05154 0.05131 0.04275 -0.01635 -0.00542 0.01681  5   AIB B O   
244 C  CB1 . AIB B 5  ? 0.04412 0.07424 0.05234 -0.02099 -0.00359 0.01516  5   AIB B CB1 
245 C  CB2 . AIB B 5  ? 0.05047 0.05905 0.04089 -0.01993 -0.00621 0.01221  5   AIB B CB2 
253 N  N   . LEU B 6  ? 0.04059 0.04095 0.04078 -0.00999 -0.00723 0.00588  6   LEU B N   
254 C  CA  . LEU B 6  ? 0.04118 0.04444 0.04093 -0.00802 -0.00232 0.00171  6   LEU B CA  
255 C  C   . LEU B 6  ? 0.03816 0.04158 0.04146 -0.01128 -0.00385 0.00400  6   LEU B C   
256 O  O   . LEU B 6  ? 0.04828 0.04539 0.04363 -0.00539 0.00073  0.01222  6   LEU B O   
257 C  CB  . LEU B 6  ? 0.04249 0.05758 0.04514 -0.00339 -0.00496 0.01024  6   LEU B CB  
258 C  CG  . LEU B 6  ? 0.04275 0.07700 0.06217 -0.00414 -0.00436 0.01215  6   LEU B CG  
259 C  CD1 . LEU B 6  ? 0.05868 0.08639 0.08132 0.00908  0.00188  0.01453  6   LEU B CD1 
260 C  CD2 . LEU B 6  ? 0.04919 0.10211 0.08161 -0.00629 -0.00166 0.01881  6   LEU B CD2 
272 N  N   . HIS B 7  ? 0.04139 0.03711 0.03651 -0.01130 0.00007  0.00713  7   HIS B N   
273 C  CA  . HIS B 7  ? 0.04899 0.03957 0.03647 -0.01470 0.00292  0.00194  7   HIS B CA  
274 C  C   . HIS B 7  ? 0.05238 0.04294 0.04429 -0.01894 0.00379  0.00553  7   HIS B C   
275 O  O   . HIS B 7  ? 0.06352 0.05732 0.05071 -0.01739 -0.00090 0.00967  7   HIS B O   
276 C  CB  . HIS B 7  ? 0.04430 0.04411 0.04862 -0.01401 0.00596  -0.00209 7   HIS B CB  
277 C  CG  . HIS B 7  ? 0.03900 0.03871 0.05090 -0.01359 -0.00047 -0.00086 7   HIS B CG  
278 N  ND1 . HIS B 7  ? 0.04968 0.04854 0.06221 -0.00633 0.00357  0.00666  7   HIS B ND1 
279 C  CD2 . HIS B 7  ? 0.03904 0.04848 0.05134 -0.01469 0.00068  -0.00185 7   HIS B CD2 
280 C  CE1 . HIS B 7  ? 0.05658 0.04936 0.07275 -0.01062 -0.00009 0.00584  7   HIS B CE1 
281 N  NE2 . HIS B 7  ? 0.04918 0.05517 0.05344 -0.01812 0.00063  0.01236  7   HIS B NE2 
289 N  N   A TYR B 8  ? 0.04692 0.03863 0.04221 -0.01662 0.00475  0.00863  8   TYR B N   
290 N  N   B TYR B 8  ? 0.05886 0.05104 0.04623 -0.01388 0.00357  0.00859  8   TYR B N   
291 C  CA  A TYR B 8  ? 0.04637 0.04687 0.04581 -0.02187 0.00179  0.00476  8   TYR B CA  
292 C  CA  B TYR B 8  ? 0.06611 0.06085 0.04964 -0.01043 0.00195  0.01006  8   TYR B CA  
293 C  C   A TYR B 8  ? 0.04596 0.04265 0.04937 -0.02186 -0.00318 0.00587  8   TYR B C   
294 C  C   B TYR B 8  ? 0.06239 0.05199 0.04649 -0.01021 -0.00078 0.01293  8   TYR B C   
295 O  O   A TYR B 8  ? 0.05428 0.04852 0.04209 -0.01921 -0.00057 0.00785  8   TYR B O   
296 O  O   B TYR B 8  ? 0.06835 0.05663 0.04230 -0.00404 -0.00013 0.01766  8   TYR B O   
297 C  CB  A TYR B 8  ? 0.04353 0.05883 0.05144 -0.01657 -0.00058 0.01036  8   TYR B CB  
298 C  CB  B TYR B 8  ? 0.07644 0.07792 0.05895 -0.00645 0.00218  0.00971  8   TYR B CB  
299 C  CG  A TYR B 8  ? 0.04357 0.05063 0.05485 -0.02091 -0.00403 0.00603  8   TYR B CG  
300 C  CG  B TYR B 8  ? 0.08626 0.09239 0.06746 -0.00461 0.00276  0.00802  8   TYR B CG  
301 C  CD1 A TYR B 8  ? 0.04580 0.04910 0.05278 -0.02104 -0.00105 0.00336  8   TYR B CD1 
302 C  CD1 B TYR B 8  ? 0.09171 0.09905 0.07059 -0.00471 0.00407  0.00647  8   TYR B CD1 
303 C  CD2 A TYR B 8  ? 0.05596 0.05325 0.05197 -0.01161 -0.00283 0.00528  8   TYR B CD2 
304 C  CD2 B TYR B 8  ? 0.09111 0.09984 0.07315 -0.00512 0.00371  0.00612  8   TYR B CD2 
305 C  CE1 A TYR B 8  ? 0.05241 0.05901 0.05251 -0.02586 0.00338  0.00231  8   TYR B CE1 
306 C  CE1 B TYR B 8  ? 0.10092 0.10601 0.07563 -0.00389 0.00460  0.00492  8   TYR B CE1 
307 C  CE2 A TYR B 8  ? 0.06314 0.04664 0.05742 -0.01600 -0.00365 0.00007  8   TYR B CE2 
308 C  CE2 B TYR B 8  ? 0.09576 0.10558 0.08029 -0.00700 0.00606  0.00546  8   TYR B CE2 
309 C  CZ  A TYR B 8  ? 0.06353 0.05212 0.06210 -0.01760 -0.00023 -0.00020 8   TYR B CZ  
310 C  CZ  B TYR B 8  ? 0.10318 0.11391 0.08534 -0.00583 0.00544  0.00399  8   TYR B CZ  
331 N  N   . AIB B 9  ? 0.05770 0.04029 0.04294 -0.01398 -0.00323 0.01083  9   AIB B N   
332 C  CA  . AIB B 9  ? 0.07211 0.03715 0.04297 -0.01326 -0.00064 0.00574  9   AIB B CA  
333 C  C   . AIB B 9  ? 0.06136 0.03711 0.04300 -0.01285 -0.00331 0.00886  9   AIB B C   
334 O  O   . AIB B 9  ? 0.07475 0.03673 0.04559 -0.00683 -0.00086 0.01277  9   AIB B O   
335 C  CB1 . AIB B 9  ? 0.07872 0.04245 0.05615 -0.02165 0.00079  -0.00164 9   AIB B CB1 
336 C  CB2 . AIB B 9  ? 0.07714 0.04698 0.04692 -0.00989 -0.00186 -0.00074 9   AIB B CB2 
344 N  N   . LEU B 10 ? 0.06847 0.03859 0.04319 -0.01010 -0.01168 0.01224  10  LEU B N   
345 C  CA  . LEU B 10 ? 0.07005 0.04741 0.05072 -0.01825 -0.01253 0.00932  10  LEU B CA  
346 C  C   . LEU B 10 ? 0.09241 0.05207 0.04990 -0.02169 -0.01370 0.01194  10  LEU B C   
347 O  O   . LEU B 10 ? 0.09113 0.06406 0.06383 -0.02457 -0.01656 0.02053  10  LEU B O   
348 C  CB  . LEU B 10 ? 0.05917 0.05157 0.04959 -0.01849 -0.01421 0.00577  10  LEU B CB  
349 C  CG  . LEU B 10 ? 0.05850 0.07475 0.06301 -0.01765 -0.00676 0.00007  10  LEU B CG  
350 C  CD1 . LEU B 10 ? 0.06359 0.07869 0.06610 -0.02928 -0.00417 -0.00179 10  LEU B CD1 
351 C  CD2 . LEU B 10 ? 0.07039 0.10430 0.08031 0.00415  -0.00204 -0.00032 10  LEU B CD2 
363 N  N   . NH2 B 11 ? 0.09739 0.05879 0.04585 -0.02691 -0.00263 0.00626  11  NH2 B N   
366 C  C   . MOH C .  ? 0.13300 0.10483 0.08074 0.00198  0.00981  0.00535  101 MOH A C   
367 O  O   . MOH C .  ? 0.08883 0.08537 0.08564 -0.02407 0.01300  0.00459  101 MOH A O   
372 CO CO  . CO  D .  ? 0.06967 0.09156 0.08451 0.01290  0.00578  0.01492  102 CO  A CO  
373 O  O   A HOH E .  ? 0.06569 0.10561 0.04889 0.01121  0.00856  0.00083  201 HOH A O   
374 O  O   B HOH E .  ? 0.14351 0.10732 0.09880 0.00563  -0.00796 -0.03904 201 HOH A O   
375 O  O   . HOH E .  ? 0.40418 0.33732 0.40161 0.00966  -0.04652 0.01326  202 HOH A O   
376 O  O   . HOH E .  ? 0.40200 0.20709 0.17745 -0.01371 0.02831  -0.04119 203 HOH A O   
377 O  O   . HOH E .  ? 0.13847 0.23244 0.29197 0.04573  0.06382  -0.06522 204 HOH A O   
378 O  O   . HOH E .  ? 0.30989 0.17513 0.33705 -0.04872 0.14679  -0.06283 205 HOH A O   
379 O  O   . HOH F .  ? 0.06267 0.09676 0.07478 0.00434  0.01190  0.00827  101 HOH B O   
380 O  O   . HOH F .  ? 0.08601 0.10116 0.10473 -0.00509 -0.00761 -0.02689 102 HOH B O   
# 
